data_6BDL
#
_entry.id   6BDL
#
_cell.length_a   85.114
_cell.length_b   50.879
_cell.length_c   85.531
_cell.angle_alpha   90.00
_cell.angle_beta   90.00
_cell.angle_gamma   90.00
#
_symmetry.space_group_name_H-M   'P 1 2 1'
#
loop_
_entity.id
_entity.type
_entity.pdbx_description
1 polymer 'cGMP-dependent protein kinase 1'
2 non-polymer IMIDAZOLE
3 water water
#
_entity_poly.entity_id   1
_entity_poly.type   'polypeptide(L)'
_entity_poly.pdbx_seq_one_letter_code
;GSGLDDVSNKAYEDAEAKAKYEAEAAFFANLKLSDFNIIDTLGVGGFGRVELVQLKSEESKTFAMKILKKRHIVDTRQQE
HIRSEKQIMQGAHSDFIVRLYRTFKDSKYLYMLMEACLGGELWTILRDRGSFEDSTTRFYTACVVEAFAYLHSKGIIYRD
LKPENLILDHRGYAKLVDFGFAKKIGFGKKTW(TPO)FCGTPEYVAPEIILNKGHDISADYWSLGILMYELLTGSPPFSG
PDPMKTYNIILRGIDMIEFPKKIAKNAANLIKKLCRDNPSERLGNLKNGVKDIQKHKWFEGFNWEGLRKGTLTPPIIPSV
ASPTDTSNFDSFPEDNDEPPPDDNSGWDIDF
;
_entity_poly.pdbx_strand_id   A,B
#
loop_
_chem_comp.id
_chem_comp.type
_chem_comp.name
_chem_comp.formula
IMD non-polymer IMIDAZOLE 'C3 H5 N2 1'
#
# COMPACT_ATOMS: atom_id res chain seq x y z
N GLU A 13 43.41 -4.07 -11.79
CA GLU A 13 43.06 -5.15 -12.72
C GLU A 13 41.75 -4.84 -13.44
N ASP A 14 41.61 -3.59 -13.89
CA ASP A 14 40.31 -3.15 -14.43
C ASP A 14 40.05 -3.74 -15.80
N ALA A 15 41.04 -3.74 -16.70
CA ALA A 15 40.81 -4.30 -18.02
C ALA A 15 40.60 -5.81 -17.97
N GLU A 16 41.41 -6.53 -17.19
CA GLU A 16 41.17 -7.96 -16.98
C GLU A 16 39.78 -8.22 -16.42
N ALA A 17 39.38 -7.44 -15.42
CA ALA A 17 38.07 -7.65 -14.80
C ALA A 17 36.95 -7.39 -15.80
N LYS A 18 37.07 -6.31 -16.57
CA LYS A 18 36.05 -6.00 -17.57
C LYS A 18 35.94 -7.13 -18.59
N ALA A 19 37.07 -7.67 -19.04
CA ALA A 19 37.03 -8.79 -19.99
C ALA A 19 36.33 -9.99 -19.38
N LYS A 20 36.69 -10.33 -18.14
CA LYS A 20 36.05 -11.45 -17.45
C LYS A 20 34.54 -11.25 -17.35
N TYR A 21 34.09 -10.04 -17.00
CA TYR A 21 32.67 -9.79 -16.84
C TYR A 21 31.92 -9.85 -18.17
N GLU A 22 32.51 -9.29 -19.24
CA GLU A 22 31.90 -9.39 -20.55
C GLU A 22 31.76 -10.84 -20.98
N ALA A 23 32.80 -11.64 -20.76
CA ALA A 23 32.74 -13.05 -21.12
C ALA A 23 31.65 -13.75 -20.33
N GLU A 24 31.50 -13.40 -19.05
CA GLU A 24 30.42 -13.99 -18.23
C GLU A 24 29.05 -13.65 -18.80
N ALA A 25 28.83 -12.38 -19.13
CA ALA A 25 27.54 -11.98 -19.69
C ALA A 25 27.21 -12.78 -20.95
N ALA A 26 28.18 -12.90 -21.85
CA ALA A 26 27.95 -13.68 -23.06
C ALA A 26 27.70 -15.15 -22.76
N PHE A 27 28.39 -15.69 -21.75
CA PHE A 27 28.20 -17.08 -21.35
C PHE A 27 26.78 -17.32 -20.86
N PHE A 28 26.26 -16.41 -20.04
CA PHE A 28 24.94 -16.62 -19.45
C PHE A 28 23.81 -16.25 -20.39
N ALA A 29 24.05 -15.40 -21.39
CA ALA A 29 23.00 -15.05 -22.33
C ALA A 29 22.48 -16.27 -23.08
N ASN A 30 23.32 -17.28 -23.24
CA ASN A 30 23.05 -18.44 -24.07
C ASN A 30 22.39 -19.60 -23.31
N LEU A 31 22.29 -19.52 -21.99
CA LEU A 31 21.78 -20.63 -21.20
C LEU A 31 20.25 -20.66 -21.18
N LYS A 32 19.71 -21.86 -21.00
CA LYS A 32 18.30 -22.08 -20.81
C LYS A 32 18.09 -22.83 -19.49
N LEU A 33 16.85 -22.81 -19.00
CA LEU A 33 16.56 -23.54 -17.77
C LEU A 33 16.84 -25.03 -17.92
N SER A 34 16.64 -25.60 -19.12
CA SER A 34 16.88 -27.02 -19.31
C SER A 34 18.36 -27.37 -19.23
N ASP A 35 19.25 -26.38 -19.18
CA ASP A 35 20.67 -26.64 -19.03
C ASP A 35 21.07 -26.98 -17.61
N PHE A 36 20.14 -26.95 -16.65
CA PHE A 36 20.46 -27.13 -15.24
C PHE A 36 19.76 -28.35 -14.68
N ASN A 37 20.44 -29.01 -13.74
CA ASN A 37 19.85 -30.00 -12.86
C ASN A 37 19.73 -29.41 -11.46
N ILE A 38 18.64 -29.73 -10.76
CA ILE A 38 18.49 -29.35 -9.37
C ILE A 38 19.25 -30.34 -8.50
N ILE A 39 20.07 -29.84 -7.58
CA ILE A 39 20.87 -30.68 -6.69
C ILE A 39 20.15 -30.86 -5.36
N ASP A 40 19.90 -29.76 -4.67
CA ASP A 40 19.25 -29.76 -3.35
C ASP A 40 18.66 -28.38 -3.11
N THR A 41 17.82 -28.30 -2.09
CA THR A 41 17.21 -27.04 -1.71
C THR A 41 18.08 -26.33 -0.67
N LEU A 42 18.35 -25.06 -0.90
CA LEU A 42 19.17 -24.28 0.02
C LEU A 42 18.35 -23.44 1.00
N GLY A 43 17.11 -23.10 0.64
CA GLY A 43 16.26 -22.28 1.48
C GLY A 43 14.82 -22.29 1.02
N VAL A 44 13.89 -22.09 1.96
CA VAL A 44 12.46 -22.06 1.66
C VAL A 44 11.83 -20.91 2.45
N GLY A 45 11.05 -20.09 1.76
CA GLY A 45 10.33 -19.01 2.40
C GLY A 45 8.91 -18.87 1.86
N GLY A 46 8.27 -17.74 2.12
CA GLY A 46 6.98 -17.47 1.50
C GLY A 46 7.10 -16.99 0.07
N PHE A 47 8.21 -16.31 -0.26
CA PHE A 47 8.44 -15.91 -1.66
C PHE A 47 8.48 -17.14 -2.56
N GLY A 48 9.13 -18.20 -2.11
CA GLY A 48 9.40 -19.36 -2.93
C GLY A 48 10.54 -20.13 -2.30
N ARG A 49 11.53 -20.50 -3.11
CA ARG A 49 12.61 -21.37 -2.68
C ARG A 49 13.90 -20.93 -3.36
N VAL A 50 15.01 -21.38 -2.79
CA VAL A 50 16.33 -21.27 -3.40
C VAL A 50 16.86 -22.68 -3.58
N GLU A 51 17.11 -23.06 -4.83
CA GLU A 51 17.58 -24.40 -5.17
C GLU A 51 19.02 -24.29 -5.66
N LEU A 52 19.89 -25.16 -5.14
CA LEU A 52 21.20 -25.35 -5.75
C LEU A 52 21.03 -26.08 -7.07
N VAL A 53 21.54 -25.49 -8.15
CA VAL A 53 21.42 -26.08 -9.47
C VAL A 53 22.81 -26.26 -10.05
N GLN A 54 22.92 -27.25 -10.93
CA GLN A 54 24.20 -27.63 -11.52
C GLN A 54 24.10 -27.54 -13.04
N LEU A 55 25.07 -26.86 -13.64
CA LEU A 55 25.12 -26.77 -15.10
C LEU A 55 25.46 -28.15 -15.67
N LYS A 56 24.61 -28.66 -16.56
CA LYS A 56 24.76 -30.03 -17.03
C LYS A 56 26.06 -30.23 -17.79
N SER A 57 26.49 -29.23 -18.55
CA SER A 57 27.70 -29.38 -19.36
C SER A 57 28.98 -29.15 -18.59
N GLU A 58 28.93 -28.57 -17.39
CA GLU A 58 30.14 -28.34 -16.59
C GLU A 58 29.78 -28.57 -15.13
N GLU A 59 29.92 -29.81 -14.67
CA GLU A 59 29.39 -30.19 -13.36
C GLU A 59 30.11 -29.51 -12.20
N SER A 60 31.26 -28.86 -12.44
CA SER A 60 31.90 -28.08 -11.40
C SER A 60 31.23 -26.72 -11.20
N LYS A 61 30.29 -26.33 -12.08
CA LYS A 61 29.61 -25.06 -11.99
C LYS A 61 28.23 -25.24 -11.38
N THR A 62 28.04 -24.73 -10.17
CA THR A 62 26.75 -24.74 -9.51
C THR A 62 26.34 -23.32 -9.14
N PHE A 63 25.03 -23.13 -8.97
CA PHE A 63 24.46 -21.82 -8.71
C PHE A 63 23.29 -21.95 -7.76
N ALA A 64 22.99 -20.85 -7.06
CA ALA A 64 21.79 -20.76 -6.26
C ALA A 64 20.68 -20.14 -7.11
N MET A 65 19.65 -20.92 -7.42
CA MET A 65 18.54 -20.43 -8.23
C MET A 65 17.38 -20.09 -7.31
N LYS A 66 17.08 -18.79 -7.17
CA LYS A 66 15.90 -18.37 -6.43
C LYS A 66 14.68 -18.43 -7.35
N ILE A 67 13.64 -19.11 -6.90
CA ILE A 67 12.43 -19.33 -7.69
C ILE A 67 11.26 -18.71 -6.93
N LEU A 68 10.65 -17.69 -7.53
CA LEU A 68 9.59 -16.91 -6.91
C LEU A 68 8.27 -17.11 -7.64
N LYS A 69 7.18 -17.20 -6.89
CA LYS A 69 5.84 -17.27 -7.48
C LYS A 69 5.36 -15.87 -7.85
N LYS A 70 5.02 -15.68 -9.12
CA LYS A 70 4.68 -14.36 -9.61
C LYS A 70 3.36 -13.86 -9.00
N ARG A 71 2.37 -14.76 -8.88
CA ARG A 71 1.09 -14.36 -8.32
C ARG A 71 1.24 -13.87 -6.89
N HIS A 72 2.08 -14.52 -6.10
CA HIS A 72 2.34 -14.07 -4.74
C HIS A 72 2.99 -12.69 -4.72
N ILE A 73 3.81 -12.39 -5.73
CA ILE A 73 4.38 -11.04 -5.84
C ILE A 73 3.27 -10.04 -6.11
N VAL A 74 2.34 -10.38 -7.01
CA VAL A 74 1.25 -9.46 -7.32
C VAL A 74 0.37 -9.24 -6.10
N ASP A 75 0.01 -10.34 -5.42
CA ASP A 75 -0.82 -10.28 -4.21
C ASP A 75 -0.23 -9.35 -3.17
N THR A 76 1.08 -9.42 -2.97
CA THR A 76 1.75 -8.56 -2.01
C THR A 76 2.17 -7.22 -2.60
N ARG A 77 1.85 -6.98 -3.86
CA ARG A 77 2.20 -5.74 -4.56
C ARG A 77 3.69 -5.44 -4.46
N GLN A 78 4.51 -6.45 -4.77
CA GLN A 78 5.95 -6.33 -4.69
C GLN A 78 6.61 -6.25 -6.07
N GLN A 79 5.84 -5.93 -7.11
CA GLN A 79 6.38 -5.92 -8.46
C GLN A 79 7.56 -4.97 -8.60
N GLU A 80 7.40 -3.73 -8.11
CA GLU A 80 8.47 -2.75 -8.22
C GLU A 80 9.68 -3.18 -7.41
N HIS A 81 9.45 -3.73 -6.22
CA HIS A 81 10.56 -4.18 -5.38
C HIS A 81 11.34 -5.29 -6.07
N ILE A 82 10.65 -6.22 -6.73
CA ILE A 82 11.34 -7.33 -7.39
C ILE A 82 12.10 -6.84 -8.61
N ARG A 83 11.50 -5.94 -9.39
CA ARG A 83 12.24 -5.37 -10.53
C ARG A 83 13.48 -4.64 -10.07
N SER A 84 13.37 -3.89 -8.97
CA SER A 84 14.52 -3.19 -8.42
C SER A 84 15.58 -4.17 -7.93
N GLU A 85 15.14 -5.26 -7.31
CA GLU A 85 16.07 -6.31 -6.86
C GLU A 85 16.86 -6.86 -8.04
N LYS A 86 16.18 -7.17 -9.14
CA LYS A 86 16.87 -7.68 -10.31
C LYS A 86 17.86 -6.65 -10.85
N GLN A 87 17.41 -5.41 -11.04
CA GLN A 87 18.27 -4.38 -11.62
C GLN A 87 19.52 -4.17 -10.77
N ILE A 88 19.33 -3.98 -9.46
CA ILE A 88 20.44 -3.64 -8.59
C ILE A 88 21.39 -4.83 -8.46
N MET A 89 20.87 -6.02 -8.21
CA MET A 89 21.77 -7.13 -7.96
C MET A 89 22.46 -7.58 -9.23
N GLN A 90 21.76 -7.54 -10.37
CA GLN A 90 22.42 -7.93 -11.59
C GLN A 90 23.47 -6.92 -12.02
N GLY A 91 23.25 -5.64 -11.72
CA GLY A 91 24.26 -4.65 -12.07
C GLY A 91 25.42 -4.52 -11.09
N ALA A 92 25.27 -5.05 -9.87
CA ALA A 92 26.31 -4.92 -8.86
C ALA A 92 27.43 -5.90 -9.15
N HIS A 93 28.66 -5.42 -8.99
CA HIS A 93 29.83 -6.22 -9.30
C HIS A 93 30.77 -6.07 -8.11
N SER A 94 30.39 -6.69 -6.98
CA SER A 94 31.14 -6.53 -5.74
C SER A 94 31.44 -7.88 -5.13
N ASP A 95 32.66 -8.03 -4.59
CA ASP A 95 33.02 -9.27 -3.92
C ASP A 95 32.26 -9.48 -2.62
N PHE A 96 31.54 -8.47 -2.13
CA PHE A 96 30.76 -8.60 -0.91
C PHE A 96 29.26 -8.60 -1.18
N ILE A 97 28.88 -8.76 -2.44
CA ILE A 97 27.49 -8.90 -2.83
C ILE A 97 27.36 -10.12 -3.72
N VAL A 98 26.39 -10.97 -3.40
CA VAL A 98 26.16 -12.17 -4.20
C VAL A 98 25.78 -11.77 -5.61
N ARG A 99 26.49 -12.34 -6.59
CA ARG A 99 26.23 -12.02 -7.98
C ARG A 99 24.87 -12.55 -8.42
N LEU A 100 24.16 -11.76 -9.23
CA LEU A 100 23.00 -12.22 -9.96
C LEU A 100 23.40 -12.28 -11.42
N TYR A 101 23.54 -13.49 -11.96
CA TYR A 101 24.08 -13.63 -13.30
C TYR A 101 23.03 -13.36 -14.38
N ARG A 102 21.80 -13.86 -14.19
CA ARG A 102 20.72 -13.59 -15.14
C ARG A 102 19.41 -14.12 -14.54
N THR A 103 18.31 -13.79 -15.20
CA THR A 103 16.99 -14.23 -14.78
C THR A 103 16.33 -15.01 -15.90
N PHE A 104 15.33 -15.81 -15.52
CA PHE A 104 14.42 -16.47 -16.43
C PHE A 104 12.99 -16.21 -15.96
N LYS A 105 12.03 -16.60 -16.80
CA LYS A 105 10.63 -16.45 -16.42
C LYS A 105 9.77 -17.37 -17.26
N ASP A 106 8.67 -17.82 -16.65
CA ASP A 106 7.57 -18.42 -17.37
C ASP A 106 6.28 -17.81 -16.84
N SER A 107 5.13 -18.40 -17.13
CA SER A 107 3.88 -17.77 -16.72
C SER A 107 3.63 -17.82 -15.21
N LYS A 108 4.28 -18.74 -14.49
CA LYS A 108 4.02 -18.87 -13.08
C LYS A 108 5.14 -18.40 -12.18
N TYR A 109 6.39 -18.41 -12.66
CA TYR A 109 7.54 -18.21 -11.79
C TYR A 109 8.54 -17.26 -12.41
N LEU A 110 9.30 -16.60 -11.52
CA LEU A 110 10.54 -15.93 -11.89
C LEU A 110 11.70 -16.77 -11.37
N TYR A 111 12.79 -16.80 -12.13
CA TYR A 111 13.98 -17.57 -11.76
C TYR A 111 15.17 -16.62 -11.75
N MET A 112 15.94 -16.63 -10.66
CA MET A 112 17.07 -15.73 -10.47
C MET A 112 18.32 -16.59 -10.28
N LEU A 113 19.21 -16.59 -11.27
CA LEU A 113 20.40 -17.45 -11.25
C LEU A 113 21.52 -16.70 -10.55
N MET A 114 21.82 -17.08 -9.31
CA MET A 114 22.72 -16.34 -8.46
C MET A 114 23.98 -17.17 -8.19
N GLU A 115 25.02 -16.47 -7.74
CA GLU A 115 26.24 -17.14 -7.28
C GLU A 115 25.93 -18.04 -6.09
N ALA A 116 26.44 -19.26 -6.12
CA ALA A 116 26.24 -20.20 -5.02
C ALA A 116 27.29 -19.92 -3.94
N CYS A 117 26.82 -19.66 -2.73
CA CYS A 117 27.69 -19.42 -1.57
C CYS A 117 27.43 -20.54 -0.57
N LEU A 118 28.33 -21.51 -0.51
CA LEU A 118 28.06 -22.76 0.16
C LEU A 118 28.60 -22.82 1.58
N GLY A 119 29.11 -21.71 2.11
CA GLY A 119 29.55 -21.67 3.49
C GLY A 119 28.39 -21.71 4.47
N GLY A 120 27.22 -21.27 4.04
CA GLY A 120 26.02 -21.37 4.85
C GLY A 120 25.40 -20.04 5.21
N GLU A 121 24.15 -20.10 5.65
CA GLU A 121 23.43 -18.90 6.08
C GLU A 121 24.04 -18.36 7.37
N LEU A 122 24.30 -17.05 7.40
CA LEU A 122 24.80 -16.48 8.64
C LEU A 122 23.78 -16.65 9.77
N TRP A 123 22.49 -16.65 9.45
CA TRP A 123 21.49 -16.73 10.52
C TRP A 123 21.49 -18.12 11.16
N THR A 124 21.74 -19.17 10.39
CA THR A 124 21.79 -20.50 11.01
C THR A 124 23.06 -20.67 11.83
N ILE A 125 24.18 -20.09 11.37
CA ILE A 125 25.42 -20.17 12.13
C ILE A 125 25.29 -19.39 13.43
N LEU A 126 24.69 -18.19 13.36
CA LEU A 126 24.42 -17.42 14.57
C LEU A 126 23.49 -18.17 15.51
N ARG A 127 22.50 -18.87 14.95
CA ARG A 127 21.60 -19.69 15.76
C ARG A 127 22.38 -20.79 16.47
N ASP A 128 23.23 -21.51 15.74
CA ASP A 128 23.98 -22.63 16.32
C ASP A 128 24.96 -22.15 17.39
N ARG A 129 25.64 -21.03 17.16
CA ARG A 129 26.63 -20.55 18.11
C ARG A 129 26.08 -19.63 19.19
N GLY A 130 24.82 -19.19 19.06
CA GLY A 130 24.25 -18.27 20.02
C GLY A 130 24.67 -16.83 19.76
N SER A 131 25.98 -16.57 19.78
CA SER A 131 26.50 -15.24 19.49
C SER A 131 27.90 -15.38 18.91
N PHE A 132 28.36 -14.33 18.24
CA PHE A 132 29.69 -14.30 17.65
C PHE A 132 30.63 -13.51 18.54
N GLU A 133 31.89 -13.92 18.56
CA GLU A 133 32.90 -13.16 19.28
C GLU A 133 33.20 -11.85 18.56
N ASP A 134 33.94 -10.97 19.24
CA ASP A 134 34.14 -9.61 18.77
C ASP A 134 34.86 -9.58 17.43
N SER A 135 35.94 -10.35 17.29
CA SER A 135 36.70 -10.35 16.05
C SER A 135 35.90 -10.97 14.91
N THR A 136 35.13 -12.02 15.19
CA THR A 136 34.26 -12.61 14.18
C THR A 136 33.24 -11.59 13.67
N THR A 137 32.53 -10.95 14.61
CA THR A 137 31.56 -9.91 14.25
C THR A 137 32.24 -8.79 13.49
N ARG A 138 33.49 -8.49 13.83
CA ARG A 138 34.21 -7.41 13.15
C ARG A 138 34.47 -7.76 11.69
N PHE A 139 34.89 -9.00 11.42
CA PHE A 139 35.08 -9.42 10.04
C PHE A 139 33.77 -9.32 9.25
N TYR A 140 32.69 -9.85 9.82
CA TYR A 140 31.41 -9.82 9.09
C TYR A 140 30.93 -8.39 8.87
N THR A 141 31.10 -7.52 9.88
CA THR A 141 30.70 -6.13 9.74
C THR A 141 31.54 -5.42 8.68
N ALA A 142 32.82 -5.75 8.59
CA ALA A 142 33.66 -5.16 7.55
C ALA A 142 33.18 -5.57 6.16
N CYS A 143 32.79 -6.84 6.00
CA CYS A 143 32.18 -7.26 4.73
C CYS A 143 30.97 -6.39 4.40
N VAL A 144 30.09 -6.19 5.38
CA VAL A 144 28.92 -5.35 5.16
C VAL A 144 29.33 -3.92 4.81
N VAL A 145 30.38 -3.40 5.46
CA VAL A 145 30.80 -2.03 5.22
C VAL A 145 31.27 -1.87 3.79
N GLU A 146 32.02 -2.85 3.28
CA GLU A 146 32.46 -2.78 1.88
C GLU A 146 31.28 -2.83 0.93
N ALA A 147 30.32 -3.73 1.17
CA ALA A 147 29.11 -3.78 0.35
C ALA A 147 28.40 -2.44 0.34
N PHE A 148 28.26 -1.83 1.51
CA PHE A 148 27.57 -0.56 1.64
C PHE A 148 28.33 0.55 0.92
N ALA A 149 29.66 0.56 1.04
CA ALA A 149 30.46 1.55 0.33
C ALA A 149 30.17 1.49 -1.17
N TYR A 150 30.17 0.27 -1.73
CA TYR A 150 29.86 0.11 -3.15
C TYR A 150 28.47 0.65 -3.48
N LEU A 151 27.45 0.16 -2.75
CA LEU A 151 26.07 0.50 -3.08
C LEU A 151 25.83 2.00 -2.92
N HIS A 152 26.26 2.57 -1.81
CA HIS A 152 26.05 3.99 -1.56
C HIS A 152 26.79 4.84 -2.58
N SER A 153 28.00 4.41 -2.99
CA SER A 153 28.67 5.14 -4.06
C SER A 153 27.84 5.12 -5.33
N LYS A 154 27.00 4.09 -5.49
CA LYS A 154 26.09 4.07 -6.62
C LYS A 154 24.72 4.69 -6.32
N GLY A 155 24.56 5.33 -5.16
CA GLY A 155 23.28 5.93 -4.81
C GLY A 155 22.19 4.93 -4.49
N ILE A 156 22.54 3.76 -3.98
CA ILE A 156 21.61 2.68 -3.69
C ILE A 156 21.52 2.52 -2.18
N ILE A 157 20.31 2.37 -1.68
CA ILE A 157 20.07 2.07 -0.28
C ILE A 157 19.71 0.60 -0.15
N TYR A 158 20.23 -0.08 0.87
CA TYR A 158 19.99 -1.52 1.00
C TYR A 158 18.77 -1.83 1.88
N ARG A 159 18.70 -1.18 3.04
CA ARG A 159 17.53 -1.18 3.94
C ARG A 159 17.37 -2.44 4.76
N ASP A 160 17.59 -3.61 4.15
CA ASP A 160 17.17 -4.88 4.73
C ASP A 160 18.28 -5.61 5.48
N LEU A 161 19.29 -4.89 5.96
CA LEU A 161 20.41 -5.55 6.62
C LEU A 161 19.96 -6.28 7.88
N LYS A 162 20.35 -7.55 8.00
CA LYS A 162 20.13 -8.42 9.15
C LYS A 162 20.85 -9.74 8.90
N PRO A 163 21.06 -10.58 9.92
CA PRO A 163 21.81 -11.83 9.70
C PRO A 163 21.27 -12.70 8.58
N GLU A 164 19.94 -12.72 8.42
CA GLU A 164 19.32 -13.54 7.39
C GLU A 164 19.66 -13.07 5.98
N ASN A 165 20.20 -11.86 5.84
CA ASN A 165 20.58 -11.33 4.54
C ASN A 165 22.07 -11.44 4.27
N LEU A 166 22.80 -12.15 5.12
CA LEU A 166 24.22 -12.42 4.90
C LEU A 166 24.45 -13.91 4.76
N ILE A 167 25.35 -14.28 3.84
CA ILE A 167 25.65 -15.66 3.55
C ILE A 167 27.16 -15.78 3.35
N LEU A 168 27.71 -16.93 3.71
CA LEU A 168 29.14 -17.13 3.57
C LEU A 168 29.45 -17.99 2.35
N ASP A 169 30.51 -17.62 1.65
CA ASP A 169 31.00 -18.45 0.57
C ASP A 169 31.84 -19.59 1.18
N HIS A 170 32.42 -20.41 0.31
CA HIS A 170 33.19 -21.56 0.78
C HIS A 170 34.42 -21.13 1.58
N ARG A 171 34.90 -19.89 1.38
CA ARG A 171 36.05 -19.40 2.14
C ARG A 171 35.67 -18.97 3.54
N GLY A 172 34.42 -18.57 3.76
CA GLY A 172 34.02 -17.90 4.97
C GLY A 172 33.81 -16.42 4.84
N TYR A 173 33.96 -15.86 3.64
CA TYR A 173 33.65 -14.45 3.39
C TYR A 173 32.14 -14.27 3.30
N ALA A 174 31.66 -13.19 3.92
CA ALA A 174 30.23 -12.90 3.95
C ALA A 174 29.85 -11.98 2.80
N LYS A 175 28.66 -12.23 2.24
CA LYS A 175 28.14 -11.46 1.12
C LYS A 175 26.68 -11.18 1.37
N LEU A 176 26.22 -10.00 0.93
CA LEU A 176 24.82 -9.63 1.04
C LEU A 176 23.99 -10.38 0.01
N VAL A 177 22.84 -10.90 0.47
CA VAL A 177 21.83 -11.52 -0.38
C VAL A 177 20.54 -10.77 -0.15
N ASP A 178 19.58 -11.02 -1.04
CA ASP A 178 18.24 -10.47 -0.92
C ASP A 178 18.25 -8.95 -1.07
N PHE A 179 17.99 -8.48 -2.28
CA PHE A 179 17.91 -7.05 -2.56
C PHE A 179 16.49 -6.64 -2.86
N GLY A 180 15.53 -7.36 -2.28
CA GLY A 180 14.12 -7.07 -2.50
C GLY A 180 13.73 -5.67 -2.09
N PHE A 181 14.36 -5.13 -1.05
CA PHE A 181 14.08 -3.78 -0.57
C PHE A 181 15.14 -2.77 -0.96
N ALA A 182 16.15 -3.17 -1.72
CA ALA A 182 17.14 -2.20 -2.18
C ALA A 182 16.51 -1.27 -3.21
N LYS A 183 17.00 -0.03 -3.23
CA LYS A 183 16.34 1.01 -4.00
C LYS A 183 17.35 2.10 -4.32
N LYS A 184 17.35 2.56 -5.56
CA LYS A 184 18.12 3.73 -5.90
C LYS A 184 17.30 4.98 -5.57
N ILE A 185 17.93 5.94 -4.93
CA ILE A 185 17.25 7.15 -4.49
C ILE A 185 18.09 8.37 -4.88
N GLY A 186 17.41 9.41 -5.36
CA GLY A 186 18.12 10.60 -5.80
C GLY A 186 18.70 11.38 -4.66
N PHE A 187 19.71 12.19 -4.98
CA PHE A 187 20.30 13.07 -3.99
C PHE A 187 19.23 14.04 -3.50
N GLY A 188 19.23 14.30 -2.19
CA GLY A 188 18.23 15.19 -1.65
C GLY A 188 16.82 14.65 -1.66
N LYS A 189 16.62 13.36 -1.92
CA LYS A 189 15.30 12.73 -1.93
C LYS A 189 15.19 11.73 -0.80
N LYS A 190 13.96 11.28 -0.56
CA LYS A 190 13.71 10.24 0.42
C LYS A 190 12.73 9.24 -0.16
N THR A 191 12.62 8.10 0.52
CA THR A 191 11.65 7.08 0.21
C THR A 191 10.89 6.74 1.48
N TRP A 192 9.74 6.07 1.34
CA TRP A 192 8.77 6.05 2.42
C TRP A 192 8.27 4.68 2.84
N TPO A 193 8.66 3.64 2.12
CA TPO A 193 8.17 2.30 2.42
CB TPO A 193 8.55 1.33 1.32
CG2 TPO A 193 7.91 -0.02 1.57
OG1 TPO A 193 8.08 1.82 0.06
P TPO A 193 9.38 2.16 -0.82
O1P TPO A 193 8.91 2.92 -2.15
O2P TPO A 193 10.03 0.88 -1.23
O3P TPO A 193 10.39 3.05 0.04
C TPO A 193 8.69 1.78 3.76
O TPO A 193 9.88 1.82 4.03
N PHE A 194 7.76 1.33 4.59
CA PHE A 194 8.09 0.63 5.83
C PHE A 194 8.44 -0.83 5.54
N CYS A 195 9.73 -1.15 5.47
CA CYS A 195 10.15 -2.53 5.24
C CYS A 195 10.86 -3.06 6.47
N GLY A 196 10.93 -4.38 6.56
CA GLY A 196 11.67 -5.03 7.62
C GLY A 196 10.85 -5.23 8.87
N THR A 197 11.31 -6.15 9.71
CA THR A 197 10.65 -6.43 10.96
C THR A 197 10.79 -5.24 11.91
N PRO A 198 9.86 -5.06 12.85
CA PRO A 198 9.89 -3.87 13.72
C PRO A 198 11.20 -3.68 14.47
N GLU A 199 11.97 -4.75 14.72
CA GLU A 199 13.22 -4.61 15.43
C GLU A 199 14.27 -3.84 14.65
N TYR A 200 14.09 -3.70 13.33
CA TYR A 200 15.14 -3.18 12.48
C TYR A 200 14.84 -1.80 11.88
N VAL A 201 13.69 -1.22 12.19
CA VAL A 201 13.30 0.05 11.57
C VAL A 201 14.01 1.21 12.26
N ALA A 202 14.57 2.11 11.46
CA ALA A 202 15.20 3.30 11.99
C ALA A 202 14.12 4.26 12.51
N PRO A 203 14.49 5.22 13.37
CA PRO A 203 13.47 6.12 13.92
C PRO A 203 12.70 6.88 12.85
N GLU A 204 13.38 7.38 11.81
CA GLU A 204 12.69 8.13 10.76
C GLU A 204 11.68 7.26 10.03
N ILE A 205 11.91 5.94 9.96
CA ILE A 205 10.94 5.05 9.34
C ILE A 205 9.75 4.83 10.26
N ILE A 206 10.01 4.67 11.56
CA ILE A 206 8.93 4.50 12.54
C ILE A 206 8.04 5.74 12.57
N LEU A 207 8.65 6.92 12.55
CA LEU A 207 7.93 8.18 12.66
C LEU A 207 7.41 8.68 11.31
N ASN A 208 7.52 7.85 10.28
CA ASN A 208 6.96 8.16 8.96
C ASN A 208 7.44 9.54 8.48
N LYS A 209 8.75 9.76 8.59
CA LYS A 209 9.40 10.98 8.12
C LYS A 209 10.15 10.78 6.81
N GLY A 210 10.08 9.61 6.21
CA GLY A 210 10.93 9.30 5.07
C GLY A 210 12.35 8.95 5.49
N HIS A 211 13.03 8.21 4.63
CA HIS A 211 14.38 7.75 4.93
C HIS A 211 15.21 7.73 3.66
N ASP A 212 16.53 7.62 3.86
CA ASP A 212 17.48 7.57 2.75
C ASP A 212 18.63 6.66 3.17
N ILE A 213 19.77 6.81 2.49
CA ILE A 213 20.96 6.00 2.74
C ILE A 213 21.34 5.97 4.22
N SER A 214 21.03 7.04 4.94
CA SER A 214 21.38 7.10 6.37
C SER A 214 20.76 5.97 7.17
N ALA A 215 19.58 5.49 6.77
CA ALA A 215 18.98 4.37 7.49
C ALA A 215 19.84 3.12 7.44
N ASP A 216 20.60 2.93 6.35
CA ASP A 216 21.51 1.79 6.29
C ASP A 216 22.51 1.85 7.44
N TYR A 217 23.04 3.05 7.73
CA TYR A 217 24.01 3.18 8.81
C TYR A 217 23.39 2.75 10.12
N TRP A 218 22.13 3.13 10.35
CA TRP A 218 21.43 2.66 11.54
C TRP A 218 21.44 1.15 11.58
N SER A 219 21.04 0.52 10.48
CA SER A 219 20.96 -0.94 10.44
C SER A 219 22.31 -1.57 10.74
N LEU A 220 23.40 -0.91 10.32
CA LEU A 220 24.72 -1.48 10.57
C LEU A 220 24.97 -1.59 12.08
N GLY A 221 24.65 -0.53 12.81
CA GLY A 221 24.75 -0.61 14.27
C GLY A 221 23.93 -1.75 14.81
N ILE A 222 22.69 -1.87 14.35
CA ILE A 222 21.82 -2.94 14.81
C ILE A 222 22.49 -4.28 14.55
N LEU A 223 23.04 -4.44 13.36
CA LEU A 223 23.60 -5.74 13.01
C LEU A 223 24.74 -6.09 13.95
N MET A 224 25.62 -5.11 14.24
CA MET A 224 26.71 -5.42 15.15
C MET A 224 26.16 -5.93 16.45
N TYR A 225 25.20 -5.20 17.01
CA TYR A 225 24.63 -5.59 18.29
C TYR A 225 24.11 -7.01 18.21
N GLU A 226 23.34 -7.32 17.16
CA GLU A 226 22.75 -8.65 17.08
C GLU A 226 23.84 -9.71 16.96
N LEU A 227 24.86 -9.46 16.15
CA LEU A 227 25.89 -10.47 15.99
C LEU A 227 26.62 -10.71 17.29
N LEU A 228 26.75 -9.67 18.12
CA LEU A 228 27.47 -9.82 19.37
C LEU A 228 26.63 -10.47 20.45
N THR A 229 25.29 -10.43 20.33
CA THR A 229 24.43 -10.89 21.41
C THR A 229 23.43 -11.96 20.99
N GLY A 230 23.16 -12.13 19.70
CA GLY A 230 22.11 -13.00 19.24
C GLY A 230 20.76 -12.33 19.15
N SER A 231 20.64 -11.07 19.58
CA SER A 231 19.38 -10.36 19.60
C SER A 231 19.64 -8.90 19.29
N PRO A 232 18.79 -8.24 18.51
CA PRO A 232 18.93 -6.81 18.26
C PRO A 232 18.65 -6.01 19.51
N PRO A 233 19.15 -4.77 19.60
CA PRO A 233 19.08 -4.04 20.88
C PRO A 233 17.69 -3.62 21.27
N PHE A 234 16.83 -3.26 20.31
CA PHE A 234 15.48 -2.82 20.61
C PHE A 234 14.52 -3.96 20.28
N SER A 235 13.91 -4.53 21.32
CA SER A 235 12.95 -5.61 21.15
C SER A 235 11.99 -5.60 22.31
N GLY A 236 10.71 -5.54 22.01
CA GLY A 236 9.69 -5.61 23.03
C GLY A 236 8.78 -6.81 22.80
N PRO A 237 7.86 -7.05 23.73
CA PRO A 237 6.91 -8.16 23.53
C PRO A 237 5.95 -7.91 22.38
N ASP A 238 5.81 -6.68 21.92
CA ASP A 238 4.89 -6.30 20.87
C ASP A 238 5.50 -5.22 20.00
N PRO A 239 5.01 -5.03 18.78
CA PRO A 239 5.62 -4.04 17.88
C PRO A 239 5.59 -2.59 18.38
N MET A 240 4.50 -2.17 19.02
CA MET A 240 4.41 -0.78 19.48
C MET A 240 5.42 -0.49 20.59
N LYS A 241 5.57 -1.42 21.53
CA LYS A 241 6.61 -1.29 22.54
C LYS A 241 7.99 -1.24 21.90
N THR A 242 8.21 -2.06 20.87
CA THR A 242 9.48 -2.04 20.15
C THR A 242 9.76 -0.66 19.57
N TYR A 243 8.77 -0.06 18.90
CA TYR A 243 8.97 1.26 18.32
C TYR A 243 9.20 2.32 19.39
N ASN A 244 8.48 2.25 20.51
CA ASN A 244 8.73 3.19 21.59
C ASN A 244 10.15 3.04 22.12
N ILE A 245 10.64 1.79 22.23
CA ILE A 245 12.02 1.56 22.66
C ILE A 245 12.98 2.18 21.67
N ILE A 246 12.70 2.03 20.37
CA ILE A 246 13.57 2.59 19.34
C ILE A 246 13.63 4.11 19.46
N LEU A 247 12.45 4.74 19.65
CA LEU A 247 12.41 6.19 19.83
C LEU A 247 13.14 6.62 21.09
N ARG A 248 13.18 5.75 22.11
CA ARG A 248 13.94 6.07 23.32
C ARG A 248 15.42 6.23 23.03
N GLY A 249 15.95 5.55 22.02
CA GLY A 249 17.29 5.83 21.54
C GLY A 249 18.29 4.78 21.99
N ILE A 250 19.38 4.69 21.22
CA ILE A 250 20.44 3.73 21.51
C ILE A 250 21.12 4.05 22.84
N ASP A 251 21.14 5.33 23.24
CA ASP A 251 21.84 5.73 24.45
C ASP A 251 21.09 5.34 25.72
N MET A 252 19.81 5.01 25.62
CA MET A 252 19.01 4.56 26.74
C MET A 252 18.99 3.05 26.90
N ILE A 253 19.72 2.32 26.06
CA ILE A 253 19.76 0.86 26.12
C ILE A 253 20.83 0.41 27.10
N GLU A 254 20.54 -0.62 27.88
CA GLU A 254 21.50 -1.22 28.80
C GLU A 254 22.31 -2.28 28.05
N PHE A 255 23.51 -1.90 27.62
CA PHE A 255 24.36 -2.81 26.86
C PHE A 255 24.85 -3.95 27.76
N PRO A 256 24.79 -5.20 27.31
CA PRO A 256 25.38 -6.30 28.07
C PRO A 256 26.89 -6.15 28.15
N LYS A 257 27.47 -6.77 29.18
CA LYS A 257 28.90 -6.61 29.46
C LYS A 257 29.80 -7.20 28.38
N LYS A 258 29.33 -8.19 27.62
CA LYS A 258 30.20 -8.81 26.62
C LYS A 258 30.55 -7.88 25.47
N ILE A 259 29.77 -6.84 25.22
CA ILE A 259 30.07 -5.94 24.11
C ILE A 259 31.21 -5.02 24.51
N ALA A 260 32.31 -5.10 23.75
CA ALA A 260 33.51 -4.35 24.07
C ALA A 260 33.26 -2.85 23.97
N LYS A 261 34.12 -2.09 24.67
CA LYS A 261 33.99 -0.64 24.73
C LYS A 261 33.89 -0.03 23.34
N ASN A 262 34.83 -0.38 22.47
CA ASN A 262 34.90 0.25 21.15
C ASN A 262 33.72 -0.18 20.29
N ALA A 263 33.26 -1.42 20.45
CA ALA A 263 32.08 -1.85 19.72
C ALA A 263 30.86 -1.03 20.13
N ALA A 264 30.69 -0.79 21.42
CA ALA A 264 29.57 0.02 21.88
C ALA A 264 29.68 1.44 21.35
N ASN A 265 30.90 2.00 21.34
CA ASN A 265 31.08 3.34 20.79
C ASN A 265 30.65 3.40 19.33
N LEU A 266 31.09 2.43 18.52
CA LEU A 266 30.73 2.43 17.12
C LEU A 266 29.22 2.21 16.93
N ILE A 267 28.62 1.34 17.73
CA ILE A 267 27.18 1.12 17.61
C ILE A 267 26.42 2.40 17.92
N LYS A 268 26.83 3.12 18.97
CA LYS A 268 26.17 4.37 19.30
C LYS A 268 26.36 5.41 18.20
N LYS A 269 27.55 5.45 17.57
CA LYS A 269 27.80 6.42 16.51
C LYS A 269 27.04 6.08 15.24
N LEU A 270 26.73 4.80 15.01
CA LEU A 270 25.91 4.47 13.85
C LEU A 270 24.43 4.65 14.11
N CYS A 271 23.99 4.45 15.35
CA CYS A 271 22.56 4.50 15.69
C CYS A 271 22.16 5.82 16.36
N ARG A 272 22.70 6.94 15.88
CA ARG A 272 22.24 8.24 16.31
C ARG A 272 20.86 8.55 15.72
N ASP A 273 20.09 9.35 16.46
CA ASP A 273 18.73 9.66 16.03
C ASP A 273 18.71 10.49 14.76
N ASN A 274 19.52 11.55 14.71
CA ASN A 274 19.52 12.41 13.54
C ASN A 274 20.26 11.72 12.40
N PRO A 275 19.60 11.46 11.27
CA PRO A 275 20.28 10.78 10.15
C PRO A 275 21.54 11.48 9.67
N SER A 276 21.57 12.81 9.72
CA SER A 276 22.74 13.56 9.27
C SER A 276 23.90 13.45 10.26
N GLU A 277 23.67 12.96 11.48
CA GLU A 277 24.73 12.82 12.46
C GLU A 277 25.34 11.42 12.51
N ARG A 278 24.75 10.45 11.80
CA ARG A 278 25.23 9.08 11.88
C ARG A 278 26.59 8.91 11.20
N LEU A 279 27.43 8.09 11.82
CA LEU A 279 28.73 7.77 11.24
C LEU A 279 28.56 7.18 9.84
N GLY A 280 29.46 7.55 8.93
CA GLY A 280 29.32 7.24 7.53
C GLY A 280 28.67 8.32 6.70
N ASN A 281 27.96 9.25 7.34
CA ASN A 281 27.34 10.37 6.66
C ASN A 281 28.10 11.67 6.83
N LEU A 282 29.18 11.69 7.62
CA LEU A 282 29.93 12.92 7.89
C LEU A 282 30.90 13.20 6.75
N LYS A 283 31.84 14.14 6.98
CA LYS A 283 32.62 14.70 5.87
C LYS A 283 33.47 13.65 5.16
N ASN A 284 34.00 12.68 5.90
CA ASN A 284 34.84 11.65 5.29
C ASN A 284 34.06 10.39 4.94
N GLY A 285 32.73 10.42 5.04
CA GLY A 285 31.90 9.31 4.59
C GLY A 285 32.23 8.00 5.27
N VAL A 286 32.21 6.93 4.47
CA VAL A 286 32.43 5.59 5.00
C VAL A 286 33.81 5.45 5.64
N LYS A 287 34.76 6.30 5.25
CA LYS A 287 36.07 6.27 5.90
C LYS A 287 35.95 6.45 7.40
N ASP A 288 35.01 7.29 7.85
CA ASP A 288 34.83 7.48 9.29
C ASP A 288 34.45 6.18 9.97
N ILE A 289 33.69 5.32 9.29
CA ILE A 289 33.40 4.00 9.84
C ILE A 289 34.65 3.14 9.79
N GLN A 290 35.34 3.13 8.65
CA GLN A 290 36.48 2.24 8.50
C GLN A 290 37.63 2.64 9.41
N LYS A 291 37.78 3.94 9.69
CA LYS A 291 38.85 4.43 10.54
C LYS A 291 38.47 4.41 12.01
N HIS A 292 37.30 3.90 12.37
CA HIS A 292 36.91 3.86 13.77
C HIS A 292 37.85 2.94 14.53
N LYS A 293 38.06 3.27 15.82
CA LYS A 293 39.02 2.54 16.63
C LYS A 293 38.71 1.05 16.71
N TRP A 294 37.43 0.67 16.57
CA TRP A 294 37.07 -0.74 16.59
C TRP A 294 37.79 -1.51 15.48
N PHE A 295 38.04 -0.85 14.35
CA PHE A 295 38.76 -1.46 13.24
C PHE A 295 40.26 -1.21 13.31
N GLU A 296 40.76 -0.78 14.47
CA GLU A 296 42.21 -0.62 14.66
C GLU A 296 42.91 -1.97 14.50
N GLY A 297 43.82 -2.05 13.53
CA GLY A 297 44.50 -3.29 13.24
C GLY A 297 43.78 -4.22 12.28
N PHE A 298 42.58 -3.86 11.83
CA PHE A 298 41.90 -4.67 10.83
C PHE A 298 42.42 -4.33 9.44
N ASN A 299 42.83 -5.34 8.70
CA ASN A 299 43.49 -5.14 7.40
C ASN A 299 42.42 -5.08 6.30
N TRP A 300 41.92 -3.87 6.04
CA TRP A 300 40.95 -3.68 4.97
C TRP A 300 41.51 -4.09 3.61
N GLU A 301 42.79 -3.75 3.35
CA GLU A 301 43.42 -4.15 2.10
C GLU A 301 43.39 -5.66 1.92
N GLY A 302 43.71 -6.41 2.98
CA GLY A 302 43.68 -7.85 2.91
C GLY A 302 42.28 -8.41 2.74
N LEU A 303 41.28 -7.73 3.33
CA LEU A 303 39.90 -8.15 3.13
C LEU A 303 39.48 -7.97 1.67
N ARG A 304 39.83 -6.84 1.06
CA ARG A 304 39.46 -6.62 -0.34
C ARG A 304 40.30 -7.44 -1.30
N LYS A 305 41.48 -7.89 -0.89
CA LYS A 305 42.29 -8.79 -1.70
C LYS A 305 41.95 -10.26 -1.45
N GLY A 306 41.13 -10.56 -0.45
CA GLY A 306 40.79 -11.92 -0.13
C GLY A 306 41.82 -12.68 0.70
N THR A 307 42.90 -12.01 1.12
CA THR A 307 43.97 -12.67 1.84
C THR A 307 43.75 -12.73 3.34
N LEU A 308 42.83 -11.94 3.88
CA LEU A 308 42.53 -12.01 5.31
C LEU A 308 41.82 -13.33 5.63
N THR A 309 42.26 -13.98 6.70
CA THR A 309 41.68 -15.26 7.07
C THR A 309 40.35 -15.05 7.80
N PRO A 310 39.26 -15.64 7.34
CA PRO A 310 37.95 -15.42 7.97
C PRO A 310 37.89 -16.07 9.34
N PRO A 311 36.95 -15.63 10.20
CA PRO A 311 36.88 -16.16 11.57
C PRO A 311 36.27 -17.55 11.66
N ILE A 312 35.44 -17.94 10.69
CA ILE A 312 34.80 -19.24 10.65
C ILE A 312 35.08 -19.83 9.28
N ILE A 313 35.82 -20.93 9.24
CA ILE A 313 36.21 -21.57 8.00
C ILE A 313 35.16 -22.65 7.67
N PRO A 314 34.35 -22.46 6.65
CA PRO A 314 33.37 -23.50 6.31
C PRO A 314 34.06 -24.69 5.67
N SER A 315 33.50 -25.87 5.91
CA SER A 315 33.95 -27.09 5.25
C SER A 315 32.99 -27.39 4.10
N VAL A 316 33.50 -27.26 2.87
CA VAL A 316 32.71 -27.51 1.68
C VAL A 316 33.50 -28.49 0.81
N ALA A 317 32.95 -29.67 0.61
CA ALA A 317 33.69 -30.74 -0.06
C ALA A 317 33.69 -30.58 -1.57
N SER A 318 32.67 -29.95 -2.13
CA SER A 318 32.49 -29.93 -3.58
C SER A 318 31.46 -28.88 -3.94
N PRO A 319 31.32 -28.54 -5.23
CA PRO A 319 30.28 -27.56 -5.61
C PRO A 319 28.85 -28.03 -5.39
N THR A 320 28.63 -29.30 -5.05
CA THR A 320 27.29 -29.80 -4.77
C THR A 320 27.08 -30.12 -3.29
N ASP A 321 28.00 -29.70 -2.42
CA ASP A 321 27.89 -29.99 -1.00
C ASP A 321 26.96 -28.95 -0.37
N THR A 322 25.79 -29.38 0.12
CA THR A 322 24.85 -28.49 0.78
C THR A 322 24.78 -28.71 2.29
N SER A 323 25.80 -29.36 2.87
CA SER A 323 25.75 -29.73 4.28
C SER A 323 25.80 -28.53 5.22
N ASN A 324 26.15 -27.35 4.74
CA ASN A 324 26.18 -26.16 5.59
C ASN A 324 24.83 -25.49 5.71
N PHE A 325 23.79 -26.08 5.10
CA PHE A 325 22.44 -25.55 5.14
C PHE A 325 21.52 -26.54 5.84
N ASP A 326 20.42 -26.03 6.38
CA ASP A 326 19.41 -26.90 6.94
C ASP A 326 18.79 -27.74 5.82
N SER A 327 18.20 -28.87 6.20
CA SER A 327 17.53 -29.73 5.24
C SER A 327 16.10 -29.24 5.03
N PHE A 328 15.61 -29.36 3.80
CA PHE A 328 14.31 -28.84 3.43
C PHE A 328 13.58 -29.87 2.57
N PRO A 329 12.30 -30.11 2.84
CA PRO A 329 11.54 -31.04 2.00
C PRO A 329 11.35 -30.45 0.60
N GLU A 330 11.20 -31.34 -0.37
CA GLU A 330 11.02 -30.93 -1.75
C GLU A 330 9.71 -30.16 -1.92
N ASP A 331 9.69 -29.28 -2.91
CA ASP A 331 8.47 -28.54 -3.23
C ASP A 331 7.35 -29.51 -3.61
N ASN A 332 6.29 -29.56 -2.79
CA ASN A 332 5.10 -30.34 -3.11
C ASN A 332 3.85 -29.47 -3.18
N ASP A 333 4.03 -28.17 -3.39
CA ASP A 333 2.91 -27.23 -3.35
C ASP A 333 2.11 -27.23 -4.65
N GLU A 334 0.83 -26.90 -4.53
CA GLU A 334 0.02 -26.61 -5.69
C GLU A 334 0.61 -25.44 -6.46
N PRO A 335 0.85 -25.57 -7.77
CA PRO A 335 1.40 -24.46 -8.56
C PRO A 335 0.48 -23.24 -8.49
N PRO A 336 1.05 -22.04 -8.47
CA PRO A 336 0.22 -20.83 -8.42
C PRO A 336 -0.43 -20.57 -9.76
N PRO A 337 -1.38 -19.63 -9.83
CA PRO A 337 -1.98 -19.28 -11.12
C PRO A 337 -1.00 -18.55 -12.01
N ASP A 338 -1.27 -18.61 -13.32
CA ASP A 338 -0.47 -17.84 -14.26
C ASP A 338 -0.59 -16.35 -13.96
N ASP A 339 0.50 -15.63 -14.25
CA ASP A 339 0.50 -14.17 -14.18
C ASP A 339 1.10 -13.64 -15.47
N ASN A 340 0.25 -13.09 -16.33
CA ASN A 340 0.67 -12.50 -17.60
C ASN A 340 0.50 -10.99 -17.61
N SER A 341 0.64 -10.34 -16.45
CA SER A 341 0.45 -8.89 -16.35
C SER A 341 1.48 -8.11 -17.15
N GLY A 342 2.61 -8.71 -17.50
CA GLY A 342 3.64 -8.03 -18.25
C GLY A 342 4.58 -7.18 -17.43
N TRP A 343 4.40 -7.10 -16.11
CA TRP A 343 5.34 -6.37 -15.27
C TRP A 343 6.70 -7.03 -15.20
N ASP A 344 6.80 -8.33 -15.53
CA ASP A 344 8.06 -9.05 -15.55
C ASP A 344 8.68 -9.08 -16.93
N ILE A 345 8.41 -8.08 -17.77
CA ILE A 345 8.85 -8.10 -19.15
C ILE A 345 10.37 -8.16 -19.28
N ASP A 346 11.10 -7.62 -18.30
CA ASP A 346 12.56 -7.60 -18.38
C ASP A 346 13.20 -8.90 -17.91
N PHE A 347 12.46 -9.76 -17.21
CA PHE A 347 13.02 -10.98 -16.66
C PHE A 347 13.25 -12.04 -17.74
N GLU B 13 1.82 15.34 -0.64
CA GLU B 13 2.23 14.22 0.16
C GLU B 13 2.01 12.90 -0.55
N ASP B 14 2.41 12.85 -1.82
CA ASP B 14 2.02 11.77 -2.71
C ASP B 14 2.80 10.48 -2.43
N ALA B 15 4.14 10.55 -2.31
CA ALA B 15 4.90 9.32 -2.03
C ALA B 15 4.52 8.77 -0.67
N GLU B 16 4.40 9.66 0.31
CA GLU B 16 3.90 9.29 1.63
C GLU B 16 2.56 8.58 1.52
N ALA B 17 1.63 9.17 0.74
CA ALA B 17 0.29 8.61 0.63
C ALA B 17 0.33 7.25 -0.04
N LYS B 18 1.10 7.12 -1.12
CA LYS B 18 1.20 5.83 -1.80
C LYS B 18 1.74 4.76 -0.86
N ALA B 19 2.77 5.09 -0.08
CA ALA B 19 3.29 4.13 0.87
C ALA B 19 2.26 3.77 1.93
N LYS B 20 1.56 4.77 2.46
CA LYS B 20 0.52 4.51 3.45
C LYS B 20 -0.56 3.59 2.90
N TYR B 21 -0.98 3.80 1.65
CA TYR B 21 -2.01 2.97 1.03
C TYR B 21 -1.51 1.54 0.84
N GLU B 22 -0.25 1.37 0.41
CA GLU B 22 0.31 0.03 0.30
C GLU B 22 0.32 -0.68 1.65
N ALA B 23 0.71 0.05 2.70
CA ALA B 23 0.74 -0.53 4.05
C ALA B 23 -0.65 -0.93 4.51
N GLU B 24 -1.66 -0.10 4.22
CA GLU B 24 -3.04 -0.45 4.58
C GLU B 24 -3.50 -1.70 3.83
N ALA B 25 -3.24 -1.76 2.53
CA ALA B 25 -3.61 -2.93 1.76
C ALA B 25 -2.98 -4.19 2.36
N ALA B 26 -1.70 -4.11 2.73
CA ALA B 26 -1.04 -5.25 3.35
C ALA B 26 -1.67 -5.61 4.69
N PHE B 27 -2.06 -4.59 5.47
CA PHE B 27 -2.69 -4.85 6.77
C PHE B 27 -3.98 -5.62 6.61
N PHE B 28 -4.80 -5.24 5.62
CA PHE B 28 -6.10 -5.86 5.44
C PHE B 28 -6.04 -7.18 4.69
N ALA B 29 -4.97 -7.43 3.92
CA ALA B 29 -4.89 -8.66 3.14
C ALA B 29 -4.94 -9.91 4.02
N ASN B 30 -4.47 -9.82 5.27
CA ASN B 30 -4.37 -11.00 6.13
C ASN B 30 -5.59 -11.20 7.01
N LEU B 31 -6.54 -10.27 7.01
CA LEU B 31 -7.67 -10.34 7.93
C LEU B 31 -8.70 -11.34 7.44
N LYS B 32 -9.44 -11.92 8.39
CA LYS B 32 -10.53 -12.82 8.09
C LYS B 32 -11.80 -12.30 8.72
N LEU B 33 -12.95 -12.83 8.28
CA LEU B 33 -14.21 -12.47 8.89
C LEU B 33 -14.23 -12.79 10.37
N SER B 34 -13.53 -13.86 10.78
CA SER B 34 -13.51 -14.24 12.19
C SER B 34 -12.73 -13.26 13.06
N ASP B 35 -12.01 -12.31 12.46
CA ASP B 35 -11.28 -11.29 13.21
C ASP B 35 -12.16 -10.16 13.72
N PHE B 36 -13.46 -10.18 13.42
CA PHE B 36 -14.33 -9.06 13.75
C PHE B 36 -15.47 -9.49 14.67
N ASN B 37 -15.87 -8.56 15.53
CA ASN B 37 -17.10 -8.66 16.28
C ASN B 37 -18.10 -7.64 15.74
N ILE B 38 -19.36 -8.03 15.67
CA ILE B 38 -20.42 -7.10 15.30
C ILE B 38 -20.81 -6.31 16.54
N ILE B 39 -20.83 -4.98 16.40
CA ILE B 39 -21.15 -4.09 17.52
C ILE B 39 -22.62 -3.72 17.45
N ASP B 40 -23.03 -3.07 16.37
CA ASP B 40 -24.41 -2.65 16.21
C ASP B 40 -24.68 -2.44 14.72
N THR B 41 -25.97 -2.31 14.40
CA THR B 41 -26.39 -2.12 13.02
C THR B 41 -26.44 -0.63 12.70
N LEU B 42 -25.82 -0.25 11.58
CA LEU B 42 -25.78 1.13 11.12
C LEU B 42 -26.83 1.43 10.06
N GLY B 43 -27.34 0.42 9.37
CA GLY B 43 -28.32 0.61 8.32
C GLY B 43 -28.98 -0.69 7.90
N VAL B 44 -30.21 -0.60 7.42
CA VAL B 44 -30.98 -1.77 6.97
C VAL B 44 -31.68 -1.40 5.68
N GLY B 45 -31.54 -2.26 4.67
CA GLY B 45 -32.22 -2.05 3.41
C GLY B 45 -32.74 -3.34 2.81
N GLY B 46 -33.13 -3.29 1.54
CA GLY B 46 -33.49 -4.52 0.84
C GLY B 46 -32.29 -5.29 0.36
N PHE B 47 -31.20 -4.61 0.04
CA PHE B 47 -29.95 -5.28 -0.33
C PHE B 47 -29.46 -6.19 0.79
N GLY B 48 -29.55 -5.73 2.03
CA GLY B 48 -28.99 -6.40 3.18
C GLY B 48 -28.84 -5.44 4.33
N ARG B 49 -27.67 -5.40 4.98
CA ARG B 49 -27.47 -4.59 6.16
C ARG B 49 -26.05 -4.02 6.15
N VAL B 50 -25.87 -2.97 6.94
CA VAL B 50 -24.54 -2.42 7.24
C VAL B 50 -24.33 -2.48 8.75
N GLU B 51 -23.34 -3.25 9.17
CA GLU B 51 -23.04 -3.48 10.59
C GLU B 51 -21.75 -2.78 10.98
N LEU B 52 -21.77 -2.06 12.10
CA LEU B 52 -20.52 -1.62 12.69
C LEU B 52 -19.78 -2.83 13.26
N VAL B 53 -18.55 -3.04 12.82
CA VAL B 53 -17.77 -4.20 13.26
C VAL B 53 -16.48 -3.70 13.89
N GLN B 54 -15.94 -4.51 14.79
CA GLN B 54 -14.76 -4.16 15.57
C GLN B 54 -13.70 -5.23 15.40
N LEU B 55 -12.48 -4.80 15.10
CA LEU B 55 -11.34 -5.70 15.03
C LEU B 55 -10.99 -6.21 16.42
N LYS B 56 -10.93 -7.54 16.57
CA LYS B 56 -10.77 -8.12 17.90
C LYS B 56 -9.42 -7.76 18.53
N SER B 57 -8.37 -7.66 17.73
CA SER B 57 -7.04 -7.39 18.28
C SER B 57 -6.77 -5.91 18.52
N GLU B 58 -7.57 -5.01 17.95
CA GLU B 58 -7.39 -3.56 18.14
C GLU B 58 -8.79 -2.95 18.22
N GLU B 59 -9.33 -2.88 19.44
CA GLU B 59 -10.72 -2.51 19.67
C GLU B 59 -11.01 -1.05 19.35
N SER B 60 -9.98 -0.23 19.18
CA SER B 60 -10.18 1.14 18.69
C SER B 60 -10.43 1.18 17.19
N LYS B 61 -10.25 0.07 16.49
CA LYS B 61 -10.44 0.02 15.04
C LYS B 61 -11.83 -0.57 14.78
N THR B 62 -12.73 0.27 14.27
CA THR B 62 -14.07 -0.16 13.90
C THR B 62 -14.31 0.17 12.44
N PHE B 63 -15.26 -0.54 11.83
CA PHE B 63 -15.50 -0.42 10.40
C PHE B 63 -16.99 -0.60 10.13
N ALA B 64 -17.44 -0.07 9.00
CA ALA B 64 -18.78 -0.31 8.49
C ALA B 64 -18.72 -1.47 7.52
N MET B 65 -19.34 -2.60 7.90
CA MET B 65 -19.35 -3.79 7.06
C MET B 65 -20.71 -3.88 6.36
N LYS B 66 -20.72 -3.67 5.04
CA LYS B 66 -21.94 -3.88 4.28
C LYS B 66 -22.05 -5.35 3.93
N ILE B 67 -23.20 -5.94 4.22
CA ILE B 67 -23.44 -7.37 3.99
C ILE B 67 -24.62 -7.47 3.05
N LEU B 68 -24.37 -7.99 1.85
CA LEU B 68 -25.38 -8.04 0.80
C LEU B 68 -25.81 -9.47 0.53
N LYS B 69 -27.11 -9.67 0.33
CA LYS B 69 -27.64 -10.98 -0.04
C LYS B 69 -27.40 -11.19 -1.53
N LYS B 70 -26.64 -12.24 -1.89
CA LYS B 70 -26.24 -12.41 -3.28
C LYS B 70 -27.44 -12.74 -4.17
N ARG B 71 -28.36 -13.57 -3.66
CA ARG B 71 -29.52 -13.94 -4.47
C ARG B 71 -30.36 -12.73 -4.83
N HIS B 72 -30.53 -11.79 -3.89
CA HIS B 72 -31.25 -10.56 -4.19
C HIS B 72 -30.52 -9.73 -5.26
N ILE B 73 -29.20 -9.79 -5.27
CA ILE B 73 -28.45 -9.14 -6.35
C ILE B 73 -28.75 -9.81 -7.68
N VAL B 74 -28.78 -11.14 -7.71
CA VAL B 74 -29.02 -11.88 -8.95
C VAL B 74 -30.42 -11.60 -9.47
N ASP B 75 -31.43 -11.70 -8.59
CA ASP B 75 -32.81 -11.45 -8.97
C ASP B 75 -33.00 -10.07 -9.58
N THR B 76 -32.33 -9.06 -9.02
CA THR B 76 -32.42 -7.69 -9.51
C THR B 76 -31.40 -7.38 -10.61
N ARG B 77 -30.62 -8.36 -11.05
CA ARG B 77 -29.61 -8.20 -12.11
C ARG B 77 -28.67 -7.03 -11.81
N GLN B 78 -28.13 -7.02 -10.59
CA GLN B 78 -27.21 -5.97 -10.18
C GLN B 78 -25.76 -6.45 -10.08
N GLN B 79 -25.44 -7.60 -10.68
CA GLN B 79 -24.10 -8.18 -10.54
C GLN B 79 -23.04 -7.21 -11.06
N GLU B 80 -23.24 -6.65 -12.25
CA GLU B 80 -22.27 -5.74 -12.82
C GLU B 80 -22.14 -4.49 -11.96
N HIS B 81 -23.26 -3.99 -11.45
CA HIS B 81 -23.23 -2.81 -10.60
C HIS B 81 -22.43 -3.06 -9.32
N ILE B 82 -22.60 -4.23 -8.71
CA ILE B 82 -21.90 -4.52 -7.45
C ILE B 82 -20.41 -4.74 -7.71
N ARG B 83 -20.06 -5.44 -8.79
CA ARG B 83 -18.64 -5.57 -9.12
C ARG B 83 -18.00 -4.20 -9.38
N SER B 84 -18.73 -3.31 -10.07
CA SER B 84 -18.20 -1.97 -10.30
C SER B 84 -18.08 -1.19 -9.00
N GLU B 85 -19.04 -1.37 -8.08
CA GLU B 85 -18.95 -0.71 -6.78
C GLU B 85 -17.69 -1.13 -6.05
N LYS B 86 -17.42 -2.43 -6.01
CA LYS B 86 -16.19 -2.90 -5.37
C LYS B 86 -14.96 -2.32 -6.06
N GLN B 87 -14.89 -2.45 -7.39
CA GLN B 87 -13.70 -2.00 -8.11
C GLN B 87 -13.42 -0.52 -7.86
N ILE B 88 -14.43 0.32 -8.06
CA ILE B 88 -14.23 1.76 -7.96
C ILE B 88 -13.96 2.17 -6.52
N MET B 89 -14.76 1.68 -5.58
CA MET B 89 -14.65 2.14 -4.21
C MET B 89 -13.38 1.61 -3.54
N GLN B 90 -12.99 0.36 -3.82
CA GLN B 90 -11.75 -0.16 -3.29
C GLN B 90 -10.54 0.50 -3.93
N GLY B 91 -10.67 0.92 -5.19
CA GLY B 91 -9.56 1.63 -5.81
C GLY B 91 -9.48 3.12 -5.49
N ALA B 92 -10.53 3.70 -4.93
CA ALA B 92 -10.54 5.13 -4.66
C ALA B 92 -9.80 5.43 -3.36
N HIS B 93 -8.98 6.49 -3.39
CA HIS B 93 -8.23 6.95 -2.22
C HIS B 93 -8.42 8.46 -2.08
N SER B 94 -9.60 8.84 -1.63
CA SER B 94 -9.99 10.23 -1.46
C SER B 94 -10.54 10.42 -0.06
N ASP B 95 -10.18 11.54 0.58
CA ASP B 95 -10.73 11.84 1.89
C ASP B 95 -12.21 12.19 1.84
N PHE B 96 -12.78 12.34 0.65
CA PHE B 96 -14.19 12.68 0.50
C PHE B 96 -15.00 11.51 -0.05
N ILE B 97 -14.43 10.32 -0.04
CA ILE B 97 -15.11 9.08 -0.42
C ILE B 97 -14.84 8.05 0.66
N VAL B 98 -15.90 7.38 1.11
CA VAL B 98 -15.75 6.32 2.10
C VAL B 98 -14.81 5.25 1.55
N ARG B 99 -13.77 4.92 2.32
CA ARG B 99 -12.83 3.90 1.88
C ARG B 99 -13.48 2.52 1.91
N LEU B 100 -13.17 1.71 0.90
CA LEU B 100 -13.49 0.29 0.92
C LEU B 100 -12.16 -0.43 1.04
N TYR B 101 -11.92 -1.04 2.21
CA TYR B 101 -10.60 -1.62 2.46
C TYR B 101 -10.44 -2.99 1.81
N ARG B 102 -11.48 -3.82 1.86
CA ARG B 102 -11.44 -5.13 1.22
C ARG B 102 -12.84 -5.74 1.31
N THR B 103 -13.00 -6.88 0.64
CA THR B 103 -14.26 -7.60 0.64
C THR B 103 -14.04 -9.03 1.14
N PHE B 104 -15.14 -9.66 1.54
CA PHE B 104 -15.22 -11.08 1.82
C PHE B 104 -16.43 -11.66 1.12
N LYS B 105 -16.55 -12.98 1.12
CA LYS B 105 -17.71 -13.61 0.49
C LYS B 105 -17.88 -15.04 1.01
N ASP B 106 -19.13 -15.49 1.03
CA ASP B 106 -19.44 -16.90 1.21
C ASP B 106 -20.49 -17.27 0.15
N SER B 107 -21.15 -18.42 0.36
CA SER B 107 -22.13 -18.87 -0.63
C SER B 107 -23.41 -18.04 -0.62
N LYS B 108 -23.71 -17.33 0.46
CA LYS B 108 -24.94 -16.55 0.52
C LYS B 108 -24.75 -15.04 0.49
N TYR B 109 -23.60 -14.53 0.93
CA TYR B 109 -23.46 -13.10 1.17
C TYR B 109 -22.16 -12.57 0.61
N LEU B 110 -22.17 -11.28 0.28
CA LEU B 110 -20.96 -10.50 0.08
C LEU B 110 -20.74 -9.56 1.26
N TYR B 111 -19.48 -9.34 1.62
CA TYR B 111 -19.11 -8.49 2.75
C TYR B 111 -18.16 -7.42 2.27
N MET B 112 -18.47 -6.17 2.60
CA MET B 112 -17.67 -5.01 2.18
C MET B 112 -17.20 -4.27 3.43
N LEU B 113 -15.88 -4.32 3.69
CA LEU B 113 -15.31 -3.72 4.88
C LEU B 113 -14.97 -2.26 4.58
N MET B 114 -15.77 -1.34 5.10
CA MET B 114 -15.66 0.07 4.76
C MET B 114 -15.21 0.90 5.95
N GLU B 115 -14.77 2.12 5.62
CA GLU B 115 -14.48 3.11 6.65
C GLU B 115 -15.75 3.45 7.41
N ALA B 116 -15.68 3.45 8.74
CA ALA B 116 -16.84 3.79 9.55
C ALA B 116 -16.95 5.30 9.70
N CYS B 117 -18.10 5.85 9.34
CA CYS B 117 -18.38 7.28 9.46
C CYS B 117 -19.49 7.45 10.49
N LEU B 118 -19.12 7.83 11.71
CA LEU B 118 -20.04 7.79 12.84
C LEU B 118 -20.69 9.13 13.14
N GLY B 119 -20.50 10.12 12.27
CA GLY B 119 -21.19 11.38 12.44
C GLY B 119 -22.66 11.33 12.10
N GLY B 120 -23.05 10.40 11.23
CA GLY B 120 -24.44 10.18 10.92
C GLY B 120 -24.76 10.43 9.46
N GLU B 121 -25.94 9.96 9.06
CA GLU B 121 -26.43 10.19 7.71
C GLU B 121 -26.78 11.65 7.50
N LEU B 122 -26.30 12.24 6.40
CA LEU B 122 -26.67 13.61 6.10
C LEU B 122 -28.17 13.76 5.89
N TRP B 123 -28.84 12.73 5.38
CA TRP B 123 -30.24 12.88 5.05
C TRP B 123 -31.11 13.00 6.31
N THR B 124 -30.76 12.29 7.39
CA THR B 124 -31.54 12.44 8.61
C THR B 124 -31.26 13.79 9.28
N ILE B 125 -30.02 14.28 9.18
CA ILE B 125 -29.70 15.58 9.73
C ILE B 125 -30.45 16.68 8.99
N LEU B 126 -30.48 16.59 7.66
CA LEU B 126 -31.25 17.52 6.85
C LEU B 126 -32.74 17.43 7.18
N ARG B 127 -33.22 16.21 7.44
CA ARG B 127 -34.61 16.03 7.85
C ARG B 127 -34.88 16.79 9.15
N ASP B 128 -34.01 16.61 10.15
CA ASP B 128 -34.23 17.21 11.46
C ASP B 128 -34.19 18.73 11.38
N ARG B 129 -33.30 19.28 10.57
CA ARG B 129 -33.18 20.73 10.50
C ARG B 129 -34.10 21.36 9.45
N GLY B 130 -34.71 20.58 8.57
CA GLY B 130 -35.52 21.13 7.50
C GLY B 130 -34.67 21.57 6.32
N SER B 131 -33.75 22.50 6.55
CA SER B 131 -32.84 22.97 5.52
C SER B 131 -31.55 23.44 6.17
N PHE B 132 -30.49 23.52 5.35
CA PHE B 132 -29.19 23.97 5.81
C PHE B 132 -28.96 25.42 5.39
N GLU B 133 -28.23 26.16 6.23
CA GLU B 133 -27.87 27.52 5.89
C GLU B 133 -26.86 27.54 4.74
N ASP B 134 -26.60 28.74 4.23
CA ASP B 134 -25.78 28.87 3.02
C ASP B 134 -24.38 28.34 3.23
N SER B 135 -23.74 28.70 4.34
CA SER B 135 -22.37 28.24 4.60
C SER B 135 -22.33 26.73 4.86
N THR B 136 -23.34 26.20 5.54
CA THR B 136 -23.43 24.75 5.76
C THR B 136 -23.51 24.00 4.44
N THR B 137 -24.48 24.40 3.60
CA THR B 137 -24.63 23.79 2.30
C THR B 137 -23.36 23.94 1.47
N ARG B 138 -22.66 25.06 1.64
CA ARG B 138 -21.43 25.26 0.88
C ARG B 138 -20.34 24.27 1.29
N PHE B 139 -20.19 24.04 2.60
CA PHE B 139 -19.20 23.05 3.05
C PHE B 139 -19.52 21.66 2.48
N TYR B 140 -20.78 21.22 2.61
CA TYR B 140 -21.11 19.88 2.11
C TYR B 140 -20.95 19.79 0.59
N THR B 141 -21.34 20.84 -0.13
CA THR B 141 -21.21 20.84 -1.58
C THR B 141 -19.75 20.81 -1.99
N ALA B 142 -18.87 21.49 -1.23
CA ALA B 142 -17.45 21.42 -1.54
C ALA B 142 -16.90 20.01 -1.33
N CYS B 143 -17.35 19.31 -0.28
CA CYS B 143 -16.95 17.92 -0.12
C CYS B 143 -17.31 17.11 -1.36
N VAL B 144 -18.56 17.26 -1.84
CA VAL B 144 -18.97 16.56 -3.05
C VAL B 144 -18.11 16.97 -4.24
N VAL B 145 -17.75 18.27 -4.33
CA VAL B 145 -16.97 18.76 -5.46
C VAL B 145 -15.59 18.12 -5.48
N GLU B 146 -14.97 17.99 -4.31
CA GLU B 146 -13.67 17.30 -4.25
C GLU B 146 -13.80 15.84 -4.67
N ALA B 147 -14.82 15.15 -4.15
CA ALA B 147 -15.05 13.77 -4.56
C ALA B 147 -15.23 13.65 -6.08
N PHE B 148 -16.03 14.54 -6.65
CA PHE B 148 -16.27 14.52 -8.10
C PHE B 148 -15.01 14.83 -8.89
N ALA B 149 -14.21 15.81 -8.43
CA ALA B 149 -12.96 16.09 -9.10
C ALA B 149 -12.11 14.83 -9.16
N TYR B 150 -12.02 14.13 -8.02
CA TYR B 150 -11.26 12.88 -7.96
C TYR B 150 -11.80 11.85 -8.94
N LEU B 151 -13.10 11.56 -8.88
CA LEU B 151 -13.67 10.50 -9.72
C LEU B 151 -13.61 10.86 -11.19
N HIS B 152 -14.01 12.07 -11.54
CA HIS B 152 -14.06 12.47 -12.95
C HIS B 152 -12.68 12.48 -13.59
N SER B 153 -11.63 12.86 -12.84
CA SER B 153 -10.29 12.78 -13.41
C SER B 153 -9.92 11.36 -13.80
N LYS B 154 -10.51 10.36 -13.15
CA LYS B 154 -10.29 8.95 -13.45
C LYS B 154 -11.29 8.40 -14.46
N GLY B 155 -12.11 9.25 -15.07
CA GLY B 155 -13.12 8.79 -16.02
C GLY B 155 -14.27 8.03 -15.39
N ILE B 156 -14.60 8.32 -14.13
CA ILE B 156 -15.64 7.60 -13.40
C ILE B 156 -16.81 8.55 -13.18
N ILE B 157 -18.02 8.04 -13.46
CA ILE B 157 -19.25 8.78 -13.17
C ILE B 157 -19.87 8.17 -11.92
N TYR B 158 -20.40 9.03 -11.04
CA TYR B 158 -20.96 8.60 -9.78
C TYR B 158 -22.46 8.32 -9.87
N ARG B 159 -23.21 9.24 -10.49
CA ARG B 159 -24.61 9.09 -10.87
C ARG B 159 -25.61 9.26 -9.72
N ASP B 160 -25.29 8.73 -8.53
CA ASP B 160 -26.28 8.54 -7.48
C ASP B 160 -26.28 9.65 -6.42
N LEU B 161 -25.79 10.85 -6.76
CA LEU B 161 -25.69 11.90 -5.75
C LEU B 161 -27.05 12.30 -5.21
N LYS B 162 -27.16 12.35 -3.89
CA LYS B 162 -28.33 12.82 -3.16
C LYS B 162 -27.96 12.82 -1.68
N PRO B 163 -28.74 13.48 -0.82
CA PRO B 163 -28.37 13.53 0.60
C PRO B 163 -28.16 12.16 1.21
N GLU B 164 -28.94 11.17 0.77
CA GLU B 164 -28.85 9.82 1.29
C GLU B 164 -27.52 9.15 0.96
N ASN B 165 -26.78 9.70 -0.01
CA ASN B 165 -25.50 9.14 -0.41
C ASN B 165 -24.31 9.86 0.22
N LEU B 166 -24.57 10.76 1.17
CA LEU B 166 -23.52 11.44 1.90
C LEU B 166 -23.63 11.10 3.38
N ILE B 167 -22.47 10.90 4.00
CA ILE B 167 -22.40 10.52 5.40
C ILE B 167 -21.29 11.34 6.03
N LEU B 168 -21.45 11.67 7.32
CA LEU B 168 -20.45 12.46 8.01
C LEU B 168 -19.58 11.56 8.89
N ASP B 169 -18.29 11.86 8.92
CA ASP B 169 -17.39 11.18 9.85
C ASP B 169 -17.55 11.83 11.23
N HIS B 170 -16.73 11.40 12.19
CA HIS B 170 -16.84 11.93 13.54
C HIS B 170 -16.53 13.42 13.60
N ARG B 171 -15.78 13.95 12.62
CA ARG B 171 -15.44 15.37 12.60
C ARG B 171 -16.57 16.23 12.07
N GLY B 172 -17.44 15.67 11.23
CA GLY B 172 -18.40 16.46 10.49
C GLY B 172 -18.06 16.64 9.04
N TYR B 173 -16.98 16.03 8.56
CA TYR B 173 -16.67 16.04 7.14
C TYR B 173 -17.56 15.05 6.41
N ALA B 174 -18.07 15.47 5.26
CA ALA B 174 -18.99 14.64 4.49
C ALA B 174 -18.20 13.83 3.47
N LYS B 175 -18.66 12.59 3.25
CA LYS B 175 -18.02 11.67 2.32
C LYS B 175 -19.10 10.95 1.52
N LEU B 176 -18.78 10.66 0.26
CA LEU B 176 -19.68 9.90 -0.59
C LEU B 176 -19.66 8.43 -0.18
N VAL B 177 -20.84 7.84 -0.11
CA VAL B 177 -21.02 6.43 0.16
C VAL B 177 -21.87 5.85 -0.97
N ASP B 178 -21.87 4.52 -1.07
CA ASP B 178 -22.71 3.80 -2.03
C ASP B 178 -22.32 4.11 -3.48
N PHE B 179 -21.50 3.25 -4.04
CA PHE B 179 -21.05 3.36 -5.43
C PHE B 179 -21.67 2.30 -6.32
N GLY B 180 -22.87 1.83 -5.96
CA GLY B 180 -23.53 0.80 -6.74
C GLY B 180 -23.77 1.20 -8.18
N PHE B 181 -24.03 2.49 -8.42
CA PHE B 181 -24.26 2.96 -9.78
C PHE B 181 -23.06 3.68 -10.38
N ALA B 182 -21.93 3.73 -9.68
CA ALA B 182 -20.73 4.33 -10.24
C ALA B 182 -20.14 3.44 -11.34
N LYS B 183 -19.51 4.07 -12.32
CA LYS B 183 -19.14 3.36 -13.53
C LYS B 183 -18.03 4.10 -14.25
N LYS B 184 -17.04 3.35 -14.74
CA LYS B 184 -16.05 3.92 -15.64
C LYS B 184 -16.62 3.92 -17.05
N ILE B 185 -16.47 5.03 -17.76
CA ILE B 185 -17.00 5.18 -19.10
C ILE B 185 -15.91 5.76 -19.99
N GLY B 186 -15.81 5.24 -21.21
CA GLY B 186 -14.79 5.71 -22.13
C GLY B 186 -15.09 7.11 -22.64
N PHE B 187 -14.03 7.78 -23.09
CA PHE B 187 -14.23 9.08 -23.70
C PHE B 187 -15.10 8.97 -24.93
N GLY B 188 -16.00 9.92 -25.10
CA GLY B 188 -16.91 9.91 -26.22
C GLY B 188 -17.96 8.82 -26.15
N LYS B 189 -18.12 8.17 -25.01
CA LYS B 189 -19.11 7.11 -24.84
C LYS B 189 -20.17 7.55 -23.84
N LYS B 190 -21.26 6.79 -23.81
CA LYS B 190 -22.34 7.03 -22.88
C LYS B 190 -22.78 5.71 -22.27
N THR B 191 -23.58 5.81 -21.21
CA THR B 191 -24.18 4.63 -20.60
C THR B 191 -25.68 4.86 -20.51
N TRP B 192 -26.43 3.79 -20.29
CA TRP B 192 -27.86 3.84 -20.58
C TRP B 192 -28.80 3.39 -19.45
N TPO B 193 -28.26 3.01 -18.30
CA TPO B 193 -29.10 2.53 -17.20
CB TPO B 193 -28.27 1.85 -16.13
CG2 TPO B 193 -29.21 1.26 -15.08
OG1 TPO B 193 -27.58 0.78 -16.75
P TPO B 193 -25.99 1.10 -16.75
O1P TPO B 193 -25.80 2.63 -17.23
O2P TPO B 193 -25.27 0.11 -17.78
O3P TPO B 193 -25.41 0.96 -15.39
C TPO B 193 -29.89 3.70 -16.59
O TPO B 193 -29.34 4.75 -16.26
N PHE B 194 -31.19 3.48 -16.46
CA PHE B 194 -32.05 4.44 -15.79
C PHE B 194 -32.01 4.12 -14.30
N CYS B 195 -31.10 4.75 -13.58
CA CYS B 195 -30.96 4.59 -12.13
C CYS B 195 -31.10 5.93 -11.44
N GLY B 196 -31.25 5.88 -10.13
CA GLY B 196 -31.32 7.08 -9.31
C GLY B 196 -32.75 7.57 -9.13
N THR B 197 -32.92 8.42 -8.10
CA THR B 197 -34.24 8.91 -7.76
C THR B 197 -34.77 9.83 -8.87
N PRO B 198 -36.07 9.83 -9.12
CA PRO B 198 -36.62 10.61 -10.24
C PRO B 198 -36.36 12.11 -10.14
N GLU B 199 -36.27 12.66 -8.93
CA GLU B 199 -36.03 14.09 -8.78
C GLU B 199 -34.61 14.49 -9.19
N TYR B 200 -33.68 13.55 -9.27
CA TYR B 200 -32.28 13.86 -9.55
C TYR B 200 -31.81 13.46 -10.94
N VAL B 201 -32.66 12.87 -11.77
CA VAL B 201 -32.22 12.42 -13.09
C VAL B 201 -32.16 13.63 -14.03
N ALA B 202 -31.08 13.70 -14.80
CA ALA B 202 -30.92 14.74 -15.79
C ALA B 202 -31.86 14.50 -16.96
N PRO B 203 -32.14 15.54 -17.77
CA PRO B 203 -33.06 15.35 -18.90
C PRO B 203 -32.62 14.28 -19.88
N GLU B 204 -31.31 14.18 -20.17
CA GLU B 204 -30.84 13.15 -21.10
C GLU B 204 -31.15 11.75 -20.59
N ILE B 205 -31.23 11.57 -19.27
CA ILE B 205 -31.63 10.28 -18.73
C ILE B 205 -33.13 10.08 -18.91
N ILE B 206 -33.93 11.12 -18.67
CA ILE B 206 -35.37 11.04 -18.84
C ILE B 206 -35.71 10.69 -20.29
N LEU B 207 -35.02 11.34 -21.23
CA LEU B 207 -35.28 11.18 -22.65
C LEU B 207 -34.52 10.02 -23.27
N ASN B 208 -33.83 9.22 -22.45
CA ASN B 208 -33.16 8.01 -22.93
C ASN B 208 -32.22 8.32 -24.10
N LYS B 209 -31.39 9.34 -23.92
CA LYS B 209 -30.38 9.70 -24.90
C LYS B 209 -28.99 9.17 -24.53
N GLY B 210 -28.89 8.41 -23.45
CA GLY B 210 -27.60 8.07 -22.89
C GLY B 210 -27.06 9.23 -22.07
N HIS B 211 -26.17 8.91 -21.14
CA HIS B 211 -25.63 9.93 -20.26
C HIS B 211 -24.17 9.63 -19.94
N ASP B 212 -23.49 10.64 -19.44
CA ASP B 212 -22.08 10.52 -19.08
C ASP B 212 -21.84 11.39 -17.86
N ILE B 213 -20.58 11.80 -17.66
CA ILE B 213 -20.14 12.57 -16.50
C ILE B 213 -21.01 13.81 -16.26
N SER B 214 -21.54 14.43 -17.32
CA SER B 214 -22.30 15.67 -17.17
C SER B 214 -23.53 15.51 -16.27
N ALA B 215 -24.11 14.30 -16.24
CA ALA B 215 -25.24 14.05 -15.34
C ALA B 215 -24.85 14.28 -13.88
N ASP B 216 -23.57 14.09 -13.54
CA ASP B 216 -23.11 14.38 -12.19
C ASP B 216 -23.20 15.87 -11.88
N TYR B 217 -22.80 16.72 -12.82
CA TYR B 217 -22.90 18.16 -12.59
C TYR B 217 -24.34 18.59 -12.41
N TRP B 218 -25.23 18.00 -13.23
CA TRP B 218 -26.67 18.25 -13.05
C TRP B 218 -27.12 17.89 -11.63
N SER B 219 -26.78 16.66 -11.19
CA SER B 219 -27.20 16.22 -9.87
C SER B 219 -26.61 17.10 -8.77
N LEU B 220 -25.42 17.66 -9.01
CA LEU B 220 -24.84 18.58 -8.03
C LEU B 220 -25.71 19.82 -7.87
N GLY B 221 -26.16 20.39 -8.99
CA GLY B 221 -27.11 21.51 -8.88
C GLY B 221 -28.33 21.13 -8.08
N ILE B 222 -28.91 19.96 -8.38
CA ILE B 222 -30.08 19.49 -7.63
C ILE B 222 -29.75 19.40 -6.15
N LEU B 223 -28.57 18.88 -5.81
CA LEU B 223 -28.23 18.69 -4.41
C LEU B 223 -28.13 20.02 -3.67
N MET B 224 -27.49 21.03 -4.27
CA MET B 224 -27.47 22.33 -3.59
C MET B 224 -28.89 22.82 -3.33
N TYR B 225 -29.75 22.75 -4.34
CA TYR B 225 -31.12 23.23 -4.15
C TYR B 225 -31.79 22.50 -2.98
N GLU B 226 -31.66 21.17 -2.94
CA GLU B 226 -32.31 20.42 -1.86
C GLU B 226 -31.71 20.76 -0.50
N LEU B 227 -30.38 20.89 -0.42
CA LEU B 227 -29.77 21.20 0.87
C LEU B 227 -30.17 22.58 1.36
N LEU B 228 -30.37 23.52 0.44
CA LEU B 228 -30.73 24.88 0.83
C LEU B 228 -32.21 25.02 1.17
N THR B 229 -33.08 24.13 0.66
CA THR B 229 -34.51 24.29 0.88
C THR B 229 -35.17 23.11 1.57
N GLY B 230 -34.54 21.94 1.60
CA GLY B 230 -35.17 20.74 2.08
C GLY B 230 -35.90 19.94 1.02
N SER B 231 -35.97 20.45 -0.22
CA SER B 231 -36.70 19.79 -1.29
C SER B 231 -35.97 20.04 -2.60
N PRO B 232 -35.87 19.04 -3.48
CA PRO B 232 -35.26 19.27 -4.80
C PRO B 232 -36.16 20.15 -5.65
N PRO B 233 -35.61 20.81 -6.68
CA PRO B 233 -36.38 21.84 -7.38
C PRO B 233 -37.54 21.30 -8.21
N PHE B 234 -37.41 20.11 -8.80
CA PHE B 234 -38.44 19.51 -9.63
C PHE B 234 -39.09 18.37 -8.85
N SER B 235 -40.37 18.51 -8.51
CA SER B 235 -41.04 17.45 -7.77
C SER B 235 -42.53 17.50 -8.06
N GLY B 236 -43.09 16.38 -8.53
CA GLY B 236 -44.49 16.26 -8.80
C GLY B 236 -45.14 15.18 -7.97
N PRO B 237 -46.47 15.05 -8.04
CA PRO B 237 -47.15 14.01 -7.27
C PRO B 237 -46.79 12.59 -7.71
N ASP B 238 -46.25 12.42 -8.90
CA ASP B 238 -45.88 11.11 -9.43
C ASP B 238 -44.64 11.30 -10.31
N PRO B 239 -43.91 10.21 -10.60
CA PRO B 239 -42.67 10.36 -11.38
C PRO B 239 -42.86 10.99 -12.76
N MET B 240 -43.97 10.72 -13.44
CA MET B 240 -44.16 11.29 -14.78
C MET B 240 -44.29 12.81 -14.72
N LYS B 241 -45.09 13.32 -13.76
CA LYS B 241 -45.19 14.76 -13.58
C LYS B 241 -43.84 15.36 -13.19
N THR B 242 -43.09 14.66 -12.33
CA THR B 242 -41.74 15.09 -11.97
C THR B 242 -40.86 15.24 -13.21
N TYR B 243 -40.90 14.22 -14.09
CA TYR B 243 -40.06 14.24 -15.28
C TYR B 243 -40.44 15.39 -16.20
N ASN B 244 -41.73 15.64 -16.38
CA ASN B 244 -42.14 16.77 -17.20
C ASN B 244 -41.67 18.10 -16.61
N ILE B 245 -41.73 18.21 -15.28
CA ILE B 245 -41.22 19.42 -14.63
C ILE B 245 -39.72 19.57 -14.90
N ILE B 246 -38.97 18.47 -14.82
CA ILE B 246 -37.53 18.52 -15.07
C ILE B 246 -37.27 18.97 -16.50
N LEU B 247 -38.01 18.42 -17.45
CA LEU B 247 -37.82 18.79 -18.85
C LEU B 247 -38.14 20.26 -19.08
N ARG B 248 -39.03 20.84 -18.28
CA ARG B 248 -39.28 22.27 -18.40
C ARG B 248 -38.05 23.10 -18.07
N GLY B 249 -37.17 22.63 -17.19
CA GLY B 249 -35.89 23.26 -17.00
C GLY B 249 -35.79 24.07 -15.72
N ILE B 250 -34.54 24.25 -15.27
CA ILE B 250 -34.26 24.98 -14.04
C ILE B 250 -34.65 26.46 -14.16
N ASP B 251 -34.62 27.01 -15.37
CA ASP B 251 -34.94 28.43 -15.53
C ASP B 251 -36.44 28.70 -15.40
N MET B 252 -37.29 27.67 -15.46
CA MET B 252 -38.72 27.86 -15.26
C MET B 252 -39.14 27.67 -13.82
N ILE B 253 -38.20 27.39 -12.92
CA ILE B 253 -38.49 27.21 -11.50
C ILE B 253 -38.41 28.56 -10.81
N GLU B 254 -39.37 28.83 -9.92
CA GLU B 254 -39.37 30.04 -9.13
C GLU B 254 -38.52 29.79 -7.89
N PHE B 255 -37.29 30.28 -7.92
CA PHE B 255 -36.37 30.06 -6.81
C PHE B 255 -36.89 30.77 -5.57
N PRO B 256 -36.90 30.11 -4.40
CA PRO B 256 -37.27 30.82 -3.18
C PRO B 256 -36.25 31.91 -2.86
N LYS B 257 -36.71 32.93 -2.13
CA LYS B 257 -35.83 34.05 -1.81
C LYS B 257 -34.69 33.61 -0.90
N LYS B 258 -34.88 32.50 -0.20
CA LYS B 258 -33.87 32.00 0.74
C LYS B 258 -32.56 31.64 0.05
N ILE B 259 -32.61 31.30 -1.24
CA ILE B 259 -31.41 30.96 -1.98
C ILE B 259 -30.68 32.24 -2.40
N ALA B 260 -29.44 32.39 -1.95
CA ALA B 260 -28.68 33.59 -2.24
C ALA B 260 -28.38 33.69 -3.73
N LYS B 261 -28.11 34.92 -4.19
CA LYS B 261 -27.91 35.15 -5.62
C LYS B 261 -26.83 34.24 -6.20
N ASN B 262 -25.66 34.16 -5.55
CA ASN B 262 -24.57 33.37 -6.11
C ASN B 262 -24.91 31.88 -6.11
N ALA B 263 -25.63 31.42 -5.08
CA ALA B 263 -26.07 30.03 -5.04
C ALA B 263 -27.02 29.71 -6.18
N ALA B 264 -27.99 30.60 -6.44
CA ALA B 264 -28.91 30.39 -7.56
C ALA B 264 -28.16 30.40 -8.89
N ASN B 265 -27.19 31.30 -9.03
CA ASN B 265 -26.37 31.35 -10.23
C ASN B 265 -25.66 30.03 -10.47
N LEU B 266 -25.04 29.48 -9.42
CA LEU B 266 -24.31 28.23 -9.56
C LEU B 266 -25.27 27.06 -9.87
N ILE B 267 -26.42 27.03 -9.20
CA ILE B 267 -27.40 25.97 -9.44
C ILE B 267 -27.85 25.98 -10.89
N LYS B 268 -28.17 27.17 -11.41
CA LYS B 268 -28.60 27.27 -12.80
C LYS B 268 -27.48 26.88 -13.76
N LYS B 269 -26.23 27.25 -13.42
CA LYS B 269 -25.11 26.93 -14.30
C LYS B 269 -24.79 25.43 -14.32
N LEU B 270 -25.09 24.71 -13.23
CA LEU B 270 -24.89 23.27 -13.24
C LEU B 270 -26.04 22.52 -13.90
N CYS B 271 -27.23 23.10 -13.86
CA CYS B 271 -28.43 22.47 -14.40
C CYS B 271 -28.80 23.00 -15.79
N ARG B 272 -27.81 23.16 -16.67
CA ARG B 272 -28.12 23.46 -18.06
C ARG B 272 -28.72 22.24 -18.73
N ASP B 273 -29.61 22.48 -19.70
CA ASP B 273 -30.23 21.38 -20.43
C ASP B 273 -29.20 20.64 -21.27
N ASN B 274 -28.38 21.39 -22.00
CA ASN B 274 -27.34 20.81 -22.84
C ASN B 274 -26.21 20.32 -21.94
N PRO B 275 -25.89 19.03 -21.95
CA PRO B 275 -24.85 18.52 -21.03
C PRO B 275 -23.50 19.19 -21.19
N SER B 276 -23.10 19.56 -22.42
CA SER B 276 -21.80 20.16 -22.64
C SER B 276 -21.68 21.59 -22.14
N GLU B 277 -22.79 22.24 -21.83
CA GLU B 277 -22.78 23.61 -21.33
C GLU B 277 -22.78 23.68 -19.81
N ARG B 278 -22.88 22.54 -19.13
CA ARG B 278 -22.96 22.54 -17.68
C ARG B 278 -21.63 22.94 -17.08
N LEU B 279 -21.70 23.72 -16.00
CA LEU B 279 -20.48 24.08 -15.29
C LEU B 279 -19.80 22.81 -14.81
N GLY B 280 -18.47 22.79 -14.90
CA GLY B 280 -17.68 21.59 -14.71
C GLY B 280 -17.34 20.87 -15.99
N ASN B 281 -18.07 21.13 -17.07
CA ASN B 281 -17.78 20.57 -18.38
C ASN B 281 -17.06 21.56 -19.29
N LEU B 282 -16.85 22.78 -18.84
CA LEU B 282 -16.24 23.83 -19.66
C LEU B 282 -14.71 23.67 -19.63
N LYS B 283 -13.99 24.68 -20.13
CA LYS B 283 -12.56 24.51 -20.43
C LYS B 283 -11.74 24.19 -19.18
N ASN B 284 -12.11 24.74 -18.03
CA ASN B 284 -11.34 24.53 -16.81
C ASN B 284 -11.89 23.39 -15.94
N GLY B 285 -12.86 22.64 -16.45
CA GLY B 285 -13.37 21.50 -15.71
C GLY B 285 -13.92 21.88 -14.34
N VAL B 286 -13.65 21.02 -13.36
CA VAL B 286 -14.18 21.23 -12.02
C VAL B 286 -13.67 22.53 -11.40
N LYS B 287 -12.53 23.05 -11.88
CA LYS B 287 -12.05 24.33 -11.38
C LYS B 287 -13.10 25.43 -11.56
N ASP B 288 -13.84 25.39 -12.67
CA ASP B 288 -14.87 26.39 -12.89
C ASP B 288 -15.94 26.35 -11.80
N ILE B 289 -16.21 25.17 -11.23
CA ILE B 289 -17.11 25.10 -10.09
C ILE B 289 -16.44 25.70 -8.86
N GLN B 290 -15.19 25.31 -8.60
CA GLN B 290 -14.55 25.72 -7.36
C GLN B 290 -14.27 27.21 -7.32
N LYS B 291 -14.03 27.83 -8.48
CA LYS B 291 -13.76 29.25 -8.58
C LYS B 291 -15.03 30.09 -8.73
N HIS B 292 -16.21 29.47 -8.68
CA HIS B 292 -17.45 30.23 -8.80
C HIS B 292 -17.61 31.20 -7.64
N LYS B 293 -18.30 32.31 -7.89
CA LYS B 293 -18.44 33.37 -6.89
C LYS B 293 -19.07 32.86 -5.59
N TRP B 294 -19.90 31.82 -5.66
CA TRP B 294 -20.49 31.27 -4.45
C TRP B 294 -19.43 30.77 -3.46
N PHE B 295 -18.31 30.28 -3.99
CA PHE B 295 -17.22 29.79 -3.15
C PHE B 295 -16.22 30.88 -2.79
N GLU B 296 -16.58 32.15 -2.98
CA GLU B 296 -15.73 33.26 -2.56
C GLU B 296 -15.48 33.20 -1.07
N GLY B 297 -14.20 33.12 -0.69
CA GLY B 297 -13.83 33.05 0.70
C GLY B 297 -13.85 31.67 1.30
N PHE B 298 -14.24 30.66 0.53
CA PHE B 298 -14.19 29.28 1.01
C PHE B 298 -12.77 28.76 0.87
N ASN B 299 -12.23 28.22 1.97
CA ASN B 299 -10.84 27.78 2.01
C ASN B 299 -10.75 26.33 1.54
N TRP B 300 -10.59 26.15 0.23
CA TRP B 300 -10.43 24.81 -0.34
C TRP B 300 -9.20 24.11 0.23
N GLU B 301 -8.08 24.84 0.37
CA GLU B 301 -6.86 24.26 0.92
C GLU B 301 -7.10 23.71 2.31
N GLY B 302 -7.79 24.47 3.17
CA GLY B 302 -8.09 23.99 4.50
C GLY B 302 -9.06 22.82 4.50
N LEU B 303 -9.99 22.79 3.55
CA LEU B 303 -10.89 21.65 3.43
C LEU B 303 -10.12 20.38 3.12
N ARG B 304 -9.17 20.46 2.17
CA ARG B 304 -8.38 19.28 1.85
C ARG B 304 -7.36 18.94 2.93
N LYS B 305 -6.99 19.91 3.77
CA LYS B 305 -6.12 19.61 4.90
C LYS B 305 -6.88 19.17 6.14
N GLY B 306 -8.20 19.26 6.13
CA GLY B 306 -8.99 18.90 7.29
C GLY B 306 -9.02 19.96 8.37
N THR B 307 -8.43 21.13 8.14
CA THR B 307 -8.37 22.17 9.15
C THR B 307 -9.60 23.07 9.16
N LEU B 308 -10.39 23.06 8.09
CA LEU B 308 -11.62 23.84 8.06
C LEU B 308 -12.64 23.24 9.03
N THR B 309 -13.27 24.10 9.81
CA THR B 309 -14.21 23.65 10.82
C THR B 309 -15.57 23.33 10.19
N PRO B 310 -16.09 22.12 10.37
CA PRO B 310 -17.36 21.75 9.72
C PRO B 310 -18.52 22.52 10.34
N PRO B 311 -19.62 22.69 9.60
CA PRO B 311 -20.73 23.50 10.11
C PRO B 311 -21.58 22.81 11.15
N ILE B 312 -21.59 21.48 11.18
CA ILE B 312 -22.34 20.70 12.16
C ILE B 312 -21.37 19.71 12.77
N ILE B 313 -21.12 19.83 14.07
CA ILE B 313 -20.16 18.98 14.78
C ILE B 313 -20.93 17.82 15.40
N PRO B 314 -20.77 16.60 14.91
CA PRO B 314 -21.42 15.46 15.58
C PRO B 314 -20.72 15.14 16.89
N SER B 315 -21.50 14.64 17.84
CA SER B 315 -20.93 14.16 19.08
C SER B 315 -20.76 12.65 18.95
N VAL B 316 -19.51 12.19 18.98
CA VAL B 316 -19.19 10.77 18.87
C VAL B 316 -18.29 10.44 20.04
N ALA B 317 -18.78 9.59 20.94
CA ALA B 317 -18.06 9.36 22.19
C ALA B 317 -16.89 8.42 22.02
N SER B 318 -16.95 7.51 21.04
CA SER B 318 -15.98 6.43 20.92
C SER B 318 -16.12 5.78 19.55
N PRO B 319 -15.18 4.90 19.16
CA PRO B 319 -15.33 4.21 17.87
C PRO B 319 -16.50 3.23 17.80
N THR B 320 -17.16 2.93 18.92
CA THR B 320 -18.31 2.03 18.90
C THR B 320 -19.63 2.76 19.14
N ASP B 321 -19.61 4.10 19.12
CA ASP B 321 -20.81 4.89 19.36
C ASP B 321 -21.59 4.99 18.06
N THR B 322 -22.77 4.36 18.02
CA THR B 322 -23.64 4.39 16.85
C THR B 322 -24.87 5.26 17.08
N SER B 323 -24.82 6.15 18.06
CA SER B 323 -26.00 6.90 18.47
C SER B 323 -26.47 7.91 17.43
N ASN B 324 -25.65 8.23 16.42
CA ASN B 324 -26.09 9.18 15.41
C ASN B 324 -26.92 8.53 14.33
N PHE B 325 -27.19 7.23 14.43
CA PHE B 325 -27.98 6.50 13.47
C PHE B 325 -29.25 5.99 14.15
N ASP B 326 -30.25 5.72 13.33
CA ASP B 326 -31.47 5.11 13.83
C ASP B 326 -31.18 3.70 14.35
N SER B 327 -32.08 3.21 15.19
CA SER B 327 -31.96 1.88 15.77
C SER B 327 -32.54 0.83 14.83
N PHE B 328 -31.96 -0.38 14.87
CA PHE B 328 -32.40 -1.47 14.00
C PHE B 328 -32.43 -2.81 14.72
N PRO B 329 -33.49 -3.60 14.56
CA PRO B 329 -33.53 -4.93 15.16
C PRO B 329 -32.52 -5.86 14.51
N GLU B 330 -32.07 -6.85 15.28
CA GLU B 330 -31.08 -7.79 14.77
C GLU B 330 -31.65 -8.59 13.60
N ASP B 331 -30.75 -9.05 12.73
CA ASP B 331 -31.14 -9.83 11.57
C ASP B 331 -31.89 -11.07 12.01
N ASN B 332 -33.18 -11.13 11.67
CA ASN B 332 -34.02 -12.29 11.99
C ASN B 332 -34.55 -12.97 10.72
N ASP B 333 -33.91 -12.71 9.58
CA ASP B 333 -34.39 -13.24 8.32
C ASP B 333 -33.99 -14.70 8.17
N GLU B 334 -34.85 -15.45 7.49
CA GLU B 334 -34.41 -16.75 6.97
C GLU B 334 -33.27 -16.50 5.99
N PRO B 335 -32.16 -17.22 6.12
CA PRO B 335 -31.04 -17.03 5.21
C PRO B 335 -31.47 -17.17 3.76
N PRO B 336 -30.89 -16.38 2.85
CA PRO B 336 -31.26 -16.48 1.44
C PRO B 336 -30.66 -17.73 0.83
N PRO B 337 -31.05 -18.10 -0.39
CA PRO B 337 -30.45 -19.27 -1.04
C PRO B 337 -29.01 -19.00 -1.45
N ASP B 338 -28.25 -20.08 -1.58
CA ASP B 338 -26.91 -19.98 -2.09
C ASP B 338 -26.91 -19.43 -3.51
N ASP B 339 -25.84 -18.72 -3.86
CA ASP B 339 -25.62 -18.24 -5.22
C ASP B 339 -24.20 -18.64 -5.61
N ASN B 340 -24.09 -19.65 -6.47
CA ASN B 340 -22.82 -20.15 -6.94
C ASN B 340 -22.58 -19.81 -8.40
N SER B 341 -23.14 -18.70 -8.86
CA SER B 341 -23.00 -18.30 -10.26
C SER B 341 -21.56 -17.93 -10.61
N GLY B 342 -20.72 -17.64 -9.63
CA GLY B 342 -19.35 -17.28 -9.90
C GLY B 342 -19.13 -15.85 -10.33
N TRP B 343 -20.19 -15.04 -10.39
CA TRP B 343 -20.02 -13.63 -10.74
C TRP B 343 -19.26 -12.86 -9.67
N ASP B 344 -19.21 -13.39 -8.44
CA ASP B 344 -18.51 -12.75 -7.32
C ASP B 344 -17.08 -13.26 -7.14
N ILE B 345 -16.44 -13.74 -8.21
CA ILE B 345 -15.14 -14.39 -8.09
C ILE B 345 -14.08 -13.46 -7.49
N ASP B 346 -14.21 -12.15 -7.72
CA ASP B 346 -13.20 -11.22 -7.24
C ASP B 346 -13.38 -10.80 -5.78
N PHE B 347 -14.55 -11.07 -5.19
CA PHE B 347 -14.82 -10.61 -3.84
C PHE B 347 -14.10 -11.47 -2.80
N1 IMD C . 23.87 -19.45 -1.95
C2 IMD C . 22.87 -20.06 -1.29
N3 IMD C . 21.82 -19.23 -1.19
C4 IMD C . 22.14 -18.08 -1.81
C5 IMD C . 23.44 -18.20 -2.29
N1 IMD D . -19.95 4.34 7.42
C2 IMD D . -20.21 3.81 6.20
N3 IMD D . -21.47 3.32 6.20
C4 IMD D . -22.01 3.56 7.43
C5 IMD D . -21.05 4.21 8.19
#